data_9C8B
#
_entry.id   9C8B
#
_cell.length_a   48.892
_cell.length_b   54.954
_cell.length_c   76.092
_cell.angle_alpha   104.16
_cell.angle_beta   100.38
_cell.angle_gamma   108.65
#
_symmetry.space_group_name_H-M   'P 1'
#
loop_
_entity.id
_entity.type
_entity.pdbx_description
1 polymer 'Bifunctional protein PutA'
2 non-polymer 'DIHYDROFLAVINE-ADENINE DINUCLEOTIDE'
3 non-polymer 'FLAVIN-ADENINE DINUCLEOTIDE'
4 non-polymer PROPANAL
5 non-polymer DI(HYDROXYETHYL)ETHER
6 water water
#
_entity_poly.entity_id   1
_entity_poly.type   'polypeptide(L)'
_entity_poly.pdbx_seq_one_letter_code
;SRPQSTLRRAITAAYRRPETECLPPLVEAATQSKEIRDAAASTARKLIEALRGKHSGSGSSGSMMGEQFVTGETIREALK
RSKELEEKGFSYSYDMLGEAATTAADAERYYRDYESAIHAIGKASAGRGIYEGPGISIKLSALHPRYSRAQAARVMGELL
PRVKALALLAKNYDIGLNIDAEEADRLELSLDLLEVLCLDGDLSGWNGMGFVVQAYGKRCPFVLDFIIDLARRSGRRIMV
RLVKGAYWDAEIKRAQLDGLADFPVFTRKIHTDVSYIACAAKLLAATDVVFPQFATHNAQTLAAIYHMAGKDFHVGKYEF
QCLHGMGEPLYEEVVGRGKLDRPCRIYAPVGTHETLLAYLVRRLLENGANSSFVHRINDPKVSIDELIADPVEVVR
;
_entity_poly.pdbx_strand_id   A,B
#
loop_
_chem_comp.id
_chem_comp.type
_chem_comp.name
_chem_comp.formula
CBG non-polymer PROPANAL 'C3 H6 O'
FAD non-polymer 'FLAVIN-ADENINE DINUCLEOTIDE' 'C27 H33 N9 O15 P2'
FDA non-polymer 'DIHYDROFLAVINE-ADENINE DINUCLEOTIDE' 'C27 H35 N9 O15 P2'
PEG non-polymer DI(HYDROXYETHYL)ETHER 'C4 H10 O3'
#
# COMPACT_ATOMS: atom_id res chain seq x y z
N GLN A 4 -33.54 -11.63 -11.47
CA GLN A 4 -34.14 -11.15 -10.23
C GLN A 4 -34.94 -12.24 -9.54
N SER A 5 -34.61 -12.51 -8.28
CA SER A 5 -35.32 -13.48 -7.47
C SER A 5 -35.38 -12.96 -6.03
N THR A 6 -36.20 -13.58 -5.20
CA THR A 6 -36.24 -13.22 -3.79
C THR A 6 -34.86 -13.29 -3.16
N LEU A 7 -34.09 -14.31 -3.53
CA LEU A 7 -32.73 -14.42 -2.97
C LEU A 7 -31.84 -13.30 -3.48
N ARG A 8 -31.98 -12.91 -4.75
CA ARG A 8 -31.20 -11.79 -5.26
C ARG A 8 -31.62 -10.47 -4.62
N ARG A 9 -32.93 -10.27 -4.41
CA ARG A 9 -33.41 -9.05 -3.78
C ARG A 9 -32.86 -8.90 -2.37
N ALA A 10 -32.69 -10.01 -1.65
CA ALA A 10 -32.15 -9.93 -0.30
C ALA A 10 -30.72 -9.43 -0.31
N ILE A 11 -29.97 -9.78 -1.35
CA ILE A 11 -28.59 -9.30 -1.48
C ILE A 11 -28.59 -7.79 -1.70
N THR A 12 -29.34 -7.32 -2.69
CA THR A 12 -29.32 -5.89 -3.01
C THR A 12 -29.79 -5.05 -1.84
N ALA A 13 -30.79 -5.53 -1.09
CA ALA A 13 -31.31 -4.74 0.03
C ALA A 13 -30.33 -4.63 1.19
N ALA A 14 -29.39 -5.58 1.32
CA ALA A 14 -28.43 -5.55 2.41
C ALA A 14 -27.21 -4.70 2.10
N TYR A 15 -27.06 -4.24 0.85
CA TYR A 15 -25.85 -3.56 0.39
C TYR A 15 -25.33 -2.56 1.41
N ARG A 16 -26.20 -1.63 1.83
CA ARG A 16 -25.84 -0.61 2.81
C ARG A 16 -26.81 -0.61 3.99
N ARG A 17 -27.32 -1.78 4.36
CA ARG A 17 -28.15 -1.89 5.54
C ARG A 17 -27.38 -1.37 6.75
N PRO A 18 -28.02 -0.60 7.63
CA PRO A 18 -27.31 -0.06 8.80
C PRO A 18 -26.65 -1.16 9.61
N GLU A 19 -25.44 -0.86 10.09
CA GLU A 19 -24.61 -1.88 10.75
C GLU A 19 -25.31 -2.46 11.97
N THR A 20 -26.02 -1.63 12.73
CA THR A 20 -26.68 -2.12 13.93
C THR A 20 -27.83 -3.08 13.60
N GLU A 21 -28.43 -2.97 12.41
CA GLU A 21 -29.47 -3.91 12.01
C GLU A 21 -28.93 -5.20 11.42
N CYS A 22 -27.69 -5.19 10.92
CA CYS A 22 -27.12 -6.42 10.37
C CYS A 22 -26.73 -7.40 11.46
N LEU A 23 -26.39 -6.91 12.63
CA LEU A 23 -25.68 -7.74 13.61
C LEU A 23 -26.54 -8.74 14.35
N PRO A 24 -27.74 -8.40 14.83
CA PRO A 24 -28.52 -9.35 15.66
C PRO A 24 -28.66 -10.72 15.00
N PRO A 25 -29.02 -10.82 13.71
CA PRO A 25 -29.13 -12.16 13.11
C PRO A 25 -27.79 -12.87 13.00
N LEU A 26 -26.70 -12.14 12.82
CA LEU A 26 -25.39 -12.78 12.76
C LEU A 26 -24.97 -13.27 14.15
N VAL A 27 -25.26 -12.47 15.19
CA VAL A 27 -24.92 -12.88 16.55
C VAL A 27 -25.65 -14.17 16.91
N GLU A 28 -26.95 -14.24 16.60
CA GLU A 28 -27.72 -15.46 16.87
C GLU A 28 -27.12 -16.65 16.15
N ALA A 29 -26.79 -16.49 14.86
CA ALA A 29 -26.28 -17.61 14.08
C ALA A 29 -24.87 -18.00 14.49
N ALA A 30 -24.11 -17.05 15.03
CA ALA A 30 -22.74 -17.29 15.46
C ALA A 30 -22.65 -17.81 16.89
N THR A 31 -23.77 -17.90 17.62
CA THR A 31 -23.77 -18.38 18.98
C THR A 31 -23.64 -19.90 18.98
N GLN A 32 -22.63 -20.42 19.66
CA GLN A 32 -22.42 -21.86 19.76
C GLN A 32 -22.76 -22.35 21.17
N SER A 33 -23.00 -23.66 21.27
CA SER A 33 -23.27 -24.25 22.58
C SER A 33 -22.08 -24.07 23.49
N LYS A 34 -22.34 -24.04 24.80
CA LYS A 34 -21.25 -24.02 25.78
C LYS A 34 -20.26 -25.13 25.50
N GLU A 35 -20.76 -26.32 25.21
CA GLU A 35 -19.88 -27.46 24.97
C GLU A 35 -18.95 -27.21 23.79
N ILE A 36 -19.48 -26.62 22.70
CA ILE A 36 -18.62 -26.30 21.56
C ILE A 36 -17.69 -25.13 21.90
N ARG A 37 -18.18 -24.14 22.64
CA ARG A 37 -17.33 -23.01 22.97
C ARG A 37 -16.15 -23.44 23.84
N ASP A 38 -16.41 -24.31 24.83
CA ASP A 38 -15.34 -24.80 25.69
C ASP A 38 -14.33 -25.62 24.89
N ALA A 39 -14.81 -26.49 24.01
CA ALA A 39 -13.89 -27.29 23.21
C ALA A 39 -13.04 -26.41 22.30
N ALA A 40 -13.66 -25.40 21.68
CA ALA A 40 -12.92 -24.51 20.78
C ALA A 40 -11.91 -23.67 21.54
N ALA A 41 -12.26 -23.20 22.73
CA ALA A 41 -11.29 -22.49 23.56
C ALA A 41 -10.09 -23.37 23.88
N SER A 42 -10.33 -24.65 24.16
CA SER A 42 -9.23 -25.57 24.43
C SER A 42 -8.34 -25.75 23.20
N THR A 43 -8.95 -25.97 22.04
CA THR A 43 -8.17 -26.15 20.83
C THR A 43 -7.43 -24.87 20.45
N ALA A 44 -8.10 -23.73 20.57
CA ALA A 44 -7.45 -22.46 20.22
C ALA A 44 -6.25 -22.19 21.12
N ARG A 45 -6.38 -22.46 22.42
CA ARG A 45 -5.27 -22.26 23.34
C ARG A 45 -4.08 -23.12 22.94
N LYS A 46 -4.33 -24.39 22.63
CA LYS A 46 -3.25 -25.28 22.20
C LYS A 46 -2.58 -24.77 20.93
N LEU A 47 -3.37 -24.28 19.97
CA LEU A 47 -2.78 -23.76 18.72
C LEU A 47 -1.95 -22.51 18.98
N ILE A 48 -2.45 -21.61 19.84
CA ILE A 48 -1.74 -20.36 20.07
C ILE A 48 -0.47 -20.60 20.88
N GLU A 49 -0.53 -21.49 21.87
CA GLU A 49 0.68 -21.85 22.61
C GLU A 49 1.74 -22.45 21.69
N ALA A 50 1.31 -23.25 20.71
CA ALA A 50 2.27 -23.75 19.73
C ALA A 50 2.81 -22.63 18.85
N LEU A 51 1.94 -21.70 18.42
CA LEU A 51 2.37 -20.57 17.61
C LEU A 51 3.37 -19.71 18.35
N ARG A 52 3.10 -19.42 19.63
CA ARG A 52 3.98 -18.54 20.37
C ARG A 52 5.29 -19.21 20.79
N GLY A 53 5.50 -20.47 20.42
CA GLY A 53 6.81 -21.06 20.37
C GLY A 53 7.47 -20.97 19.01
N LYS A 54 6.85 -20.29 18.05
CA LYS A 54 7.42 -20.13 16.72
C LYS A 54 7.69 -18.66 16.41
N GLY A 66 9.70 -9.18 -0.54
CA GLY A 66 8.45 -9.91 -0.49
C GLY A 66 8.56 -11.33 -1.01
N GLU A 67 9.79 -11.86 -1.05
CA GLU A 67 10.01 -13.21 -1.55
C GLU A 67 9.28 -14.25 -0.71
N GLN A 68 9.05 -13.96 0.58
CA GLN A 68 8.33 -14.89 1.45
C GLN A 68 6.90 -15.15 0.98
N PHE A 69 6.33 -14.28 0.14
CA PHE A 69 4.95 -14.40 -0.26
C PHE A 69 4.73 -14.97 -1.65
N VAL A 70 5.79 -15.22 -2.42
CA VAL A 70 5.66 -15.78 -3.77
CA VAL A 70 5.65 -15.78 -3.77
C VAL A 70 6.18 -17.21 -3.78
N THR A 71 5.39 -18.12 -4.37
CA THR A 71 5.74 -19.53 -4.40
C THR A 71 6.75 -19.83 -5.50
N GLY A 72 6.70 -19.10 -6.61
CA GLY A 72 7.66 -19.27 -7.68
C GLY A 72 7.44 -18.22 -8.74
N GLU A 73 8.47 -18.00 -9.57
CA GLU A 73 8.32 -17.00 -10.61
C GLU A 73 7.46 -17.50 -11.77
N THR A 74 7.48 -18.80 -12.02
CA THR A 74 6.69 -19.41 -13.07
C THR A 74 5.89 -20.55 -12.50
N ILE A 75 4.87 -20.97 -13.23
CA ILE A 75 4.05 -22.07 -12.74
C ILE A 75 4.85 -23.36 -12.68
N ARG A 76 5.80 -23.56 -13.61
CA ARG A 76 6.68 -24.72 -13.56
C ARG A 76 7.48 -24.72 -12.26
N GLU A 77 8.03 -23.56 -11.88
CA GLU A 77 8.76 -23.46 -10.63
C GLU A 77 7.86 -23.69 -9.42
N ALA A 78 6.66 -23.10 -9.43
CA ALA A 78 5.78 -23.24 -8.27
C ALA A 78 5.31 -24.67 -8.11
N LEU A 79 5.03 -25.36 -9.22
CA LEU A 79 4.60 -26.75 -9.13
C LEU A 79 5.70 -27.62 -8.53
N LYS A 80 6.96 -27.40 -8.93
CA LYS A 80 8.05 -28.19 -8.38
C LYS A 80 8.20 -27.97 -6.88
N ARG A 81 7.99 -26.75 -6.42
CA ARG A 81 8.17 -26.44 -5.00
C ARG A 81 7.00 -26.85 -4.14
N SER A 82 5.94 -27.39 -4.73
CA SER A 82 4.75 -27.76 -3.99
C SER A 82 4.78 -29.19 -3.49
N LYS A 83 5.69 -30.02 -4.01
CA LYS A 83 5.63 -31.45 -3.74
C LYS A 83 5.84 -31.76 -2.27
N GLU A 84 6.75 -31.03 -1.61
CA GLU A 84 7.05 -31.30 -0.20
C GLU A 84 5.80 -31.16 0.66
N LEU A 85 5.13 -30.00 0.56
CA LEU A 85 3.96 -29.79 1.41
C LEU A 85 2.75 -30.61 0.96
N GLU A 86 2.68 -31.03 -0.30
CA GLU A 86 1.53 -31.85 -0.70
C GLU A 86 1.55 -33.21 -0.03
N GLU A 87 2.73 -33.77 0.22
CA GLU A 87 2.76 -35.06 0.89
C GLU A 87 2.49 -34.93 2.39
N LYS A 88 2.63 -33.74 2.94
CA LYS A 88 2.27 -33.49 4.34
C LYS A 88 0.77 -33.35 4.53
N GLY A 89 0.01 -33.19 3.44
CA GLY A 89 -1.42 -33.03 3.52
C GLY A 89 -1.96 -31.68 3.07
N PHE A 90 -1.10 -30.80 2.56
CA PHE A 90 -1.55 -29.54 2.00
C PHE A 90 -1.91 -29.72 0.53
N SER A 91 -2.81 -28.87 0.05
CA SER A 91 -3.08 -28.73 -1.38
C SER A 91 -2.77 -27.29 -1.78
N TYR A 92 -2.94 -26.98 -3.06
CA TYR A 92 -2.57 -25.67 -3.56
C TYR A 92 -3.67 -25.07 -4.43
N SER A 93 -3.76 -23.74 -4.41
CA SER A 93 -4.47 -22.97 -5.42
C SER A 93 -3.52 -21.90 -5.93
N TYR A 94 -3.15 -21.98 -7.20
CA TYR A 94 -2.15 -21.07 -7.73
C TYR A 94 -2.78 -19.78 -8.23
N ASP A 95 -2.12 -18.66 -7.94
CA ASP A 95 -2.57 -17.32 -8.27
C ASP A 95 -1.53 -16.71 -9.22
N MET A 96 -1.83 -16.67 -10.53
CA MET A 96 -0.95 -15.97 -11.45
C MET A 96 -1.12 -14.48 -11.21
N LEU A 97 -0.08 -13.86 -10.66
CA LEU A 97 -0.20 -12.50 -10.17
C LEU A 97 -0.53 -11.55 -11.31
N GLY A 98 -1.34 -10.54 -10.99
CA GLY A 98 -1.81 -9.62 -12.00
C GLY A 98 -3.26 -9.30 -11.73
N GLU A 99 -3.60 -8.02 -11.87
CA GLU A 99 -4.95 -7.58 -11.57
C GLU A 99 -5.11 -6.19 -12.15
N ALA A 100 -6.35 -5.71 -12.17
CA ALA A 100 -6.72 -4.39 -12.66
C ALA A 100 -6.05 -4.08 -14.01
N ALA A 101 -6.34 -4.92 -15.00
CA ALA A 101 -5.89 -4.63 -16.35
C ALA A 101 -6.38 -3.27 -16.78
N THR A 102 -5.48 -2.47 -17.35
CA THR A 102 -5.85 -1.15 -17.84
C THR A 102 -5.91 -1.05 -19.35
N THR A 103 -5.41 -2.05 -20.08
CA THR A 103 -5.44 -2.05 -21.53
C THR A 103 -5.86 -3.43 -22.04
N ALA A 104 -6.22 -3.48 -23.33
CA ALA A 104 -6.58 -4.76 -23.93
C ALA A 104 -5.39 -5.71 -23.94
N ALA A 105 -4.18 -5.18 -24.19
CA ALA A 105 -2.98 -6.02 -24.23
C ALA A 105 -2.69 -6.65 -22.87
N ASP A 106 -2.87 -5.88 -21.79
CA ASP A 106 -2.66 -6.44 -20.46
C ASP A 106 -3.66 -7.55 -20.18
N ALA A 107 -4.94 -7.31 -20.50
CA ALA A 107 -5.95 -8.33 -20.28
C ALA A 107 -5.65 -9.58 -21.10
N GLU A 108 -5.13 -9.40 -22.31
CA GLU A 108 -4.78 -10.55 -23.14
C GLU A 108 -3.61 -11.32 -22.57
N ARG A 109 -2.60 -10.62 -22.03
CA ARG A 109 -1.48 -11.31 -21.40
C ARG A 109 -1.93 -12.09 -20.18
N TYR A 110 -2.74 -11.47 -19.31
CA TYR A 110 -3.24 -12.17 -18.14
C TYR A 110 -4.07 -13.39 -18.53
N TYR A 111 -4.87 -13.28 -19.60
CA TYR A 111 -5.65 -14.43 -20.05
C TYR A 111 -4.74 -15.59 -20.44
N ARG A 112 -3.68 -15.29 -21.21
CA ARG A 112 -2.76 -16.33 -21.64
C ARG A 112 -1.99 -16.94 -20.48
N ASP A 113 -1.67 -16.13 -19.47
CA ASP A 113 -1.01 -16.68 -18.30
C ASP A 113 -1.94 -17.64 -17.55
N TYR A 114 -3.22 -17.29 -17.40
CA TYR A 114 -4.17 -18.19 -16.76
C TYR A 114 -4.32 -19.46 -17.57
N GLU A 115 -4.44 -19.31 -18.90
CA GLU A 115 -4.60 -20.46 -19.79
C GLU A 115 -3.42 -21.41 -19.67
N SER A 116 -2.20 -20.89 -19.79
CA SER A 116 -1.04 -21.77 -19.69
C SER A 116 -0.90 -22.37 -18.29
N ALA A 117 -1.28 -21.62 -17.26
CA ALA A 117 -1.26 -22.17 -15.90
C ALA A 117 -2.22 -23.35 -15.75
N ILE A 118 -3.42 -23.24 -16.31
CA ILE A 118 -4.39 -24.33 -16.18
C ILE A 118 -3.85 -25.61 -16.84
N HIS A 119 -3.21 -25.48 -18.00
CA HIS A 119 -2.64 -26.67 -18.64
C HIS A 119 -1.55 -27.29 -17.78
N ALA A 120 -0.68 -26.46 -17.18
CA ALA A 120 0.40 -27.00 -16.36
C ALA A 120 -0.15 -27.61 -15.08
N ILE A 121 -1.07 -26.90 -14.41
CA ILE A 121 -1.66 -27.40 -13.17
C ILE A 121 -2.48 -28.66 -13.45
N GLY A 122 -3.25 -28.64 -14.53
CA GLY A 122 -4.08 -29.79 -14.86
C GLY A 122 -3.26 -31.04 -15.16
N LYS A 123 -2.15 -30.87 -15.87
CA LYS A 123 -1.25 -31.99 -16.10
C LYS A 123 -0.58 -32.45 -14.81
N ALA A 124 -0.20 -31.50 -13.95
CA ALA A 124 0.39 -31.87 -12.65
C ALA A 124 -0.62 -32.61 -11.79
N SER A 125 -1.90 -32.19 -11.85
CA SER A 125 -2.93 -32.84 -11.04
C SER A 125 -3.00 -34.33 -11.32
N ALA A 126 -2.87 -34.71 -12.57
CA ALA A 126 -2.78 -36.12 -12.97
C ALA A 126 -3.96 -36.92 -12.41
N GLY A 127 -5.16 -36.35 -12.53
CA GLY A 127 -6.37 -37.02 -12.15
C GLY A 127 -6.66 -37.08 -10.66
N ARG A 128 -5.97 -36.28 -9.84
CA ARG A 128 -6.24 -36.31 -8.41
C ARG A 128 -7.59 -35.70 -8.07
N GLY A 129 -8.19 -34.95 -8.99
CA GLY A 129 -9.49 -34.37 -8.76
C GLY A 129 -9.43 -33.04 -8.04
N ILE A 130 -10.63 -32.50 -7.78
CA ILE A 130 -10.69 -31.12 -7.32
C ILE A 130 -10.37 -30.93 -5.84
N TYR A 131 -10.42 -31.99 -5.03
CA TYR A 131 -10.16 -31.85 -3.60
C TYR A 131 -8.75 -32.25 -3.22
N GLU A 132 -8.27 -33.37 -3.76
CA GLU A 132 -6.92 -33.82 -3.48
C GLU A 132 -5.88 -33.09 -4.32
N GLY A 133 -6.26 -32.58 -5.48
CA GLY A 133 -5.32 -32.03 -6.42
C GLY A 133 -5.34 -30.52 -6.45
N PRO A 134 -4.38 -29.91 -7.13
CA PRO A 134 -4.26 -28.45 -7.13
C PRO A 134 -5.32 -27.79 -7.99
N GLY A 135 -5.55 -26.50 -7.73
CA GLY A 135 -6.45 -25.73 -8.56
C GLY A 135 -5.86 -24.37 -8.89
N ILE A 136 -6.68 -23.48 -9.48
CA ILE A 136 -6.25 -22.15 -9.89
C ILE A 136 -7.23 -21.13 -9.34
N SER A 137 -6.73 -19.93 -9.05
CA SER A 137 -7.54 -18.79 -8.67
C SER A 137 -7.37 -17.68 -9.70
N ILE A 138 -8.47 -17.04 -10.09
CA ILE A 138 -8.39 -15.96 -11.06
C ILE A 138 -9.06 -14.72 -10.51
N LYS A 139 -8.70 -13.57 -11.07
CA LYS A 139 -9.34 -12.30 -10.77
C LYS A 139 -9.99 -11.76 -12.02
N LEU A 140 -11.28 -11.44 -11.92
CA LEU A 140 -11.99 -10.90 -13.08
C LEU A 140 -11.40 -9.56 -13.51
N SER A 141 -10.80 -8.80 -12.59
CA SER A 141 -10.24 -7.51 -13.00
C SER A 141 -9.01 -7.66 -13.90
N ALA A 142 -8.38 -8.84 -13.90
CA ALA A 142 -7.27 -9.08 -14.82
C ALA A 142 -7.74 -9.36 -16.24
N LEU A 143 -9.00 -9.75 -16.41
CA LEU A 143 -9.48 -10.27 -17.69
C LEU A 143 -10.29 -9.27 -18.50
N HIS A 144 -10.58 -8.09 -17.96
CA HIS A 144 -11.33 -7.08 -18.69
C HIS A 144 -10.64 -5.75 -18.50
N PRO A 145 -10.38 -5.00 -19.57
CA PRO A 145 -9.49 -3.83 -19.47
C PRO A 145 -10.04 -2.67 -18.66
N ARG A 146 -11.34 -2.64 -18.40
CA ARG A 146 -11.92 -1.52 -17.66
C ARG A 146 -12.91 -2.06 -16.65
N TYR A 147 -12.48 -3.09 -15.90
CA TYR A 147 -13.40 -3.91 -15.13
C TYR A 147 -14.21 -3.08 -14.14
N SER A 148 -13.56 -2.16 -13.44
CA SER A 148 -14.27 -1.38 -12.43
C SER A 148 -14.95 -0.15 -13.00
N ARG A 149 -14.51 0.34 -14.16
CA ARG A 149 -14.94 1.64 -14.68
C ARG A 149 -15.78 1.51 -15.95
N ALA A 150 -16.30 0.33 -16.23
CA ALA A 150 -17.14 0.10 -17.40
C ALA A 150 -18.47 -0.49 -16.97
N GLN A 151 -19.46 -0.34 -17.85
CA GLN A 151 -20.82 -0.78 -17.54
C GLN A 151 -20.87 -2.28 -17.31
N ALA A 152 -21.69 -2.69 -16.33
CA ALA A 152 -21.73 -4.09 -15.93
C ALA A 152 -22.24 -4.98 -17.07
N ALA A 153 -23.31 -4.56 -17.74
CA ALA A 153 -23.88 -5.37 -18.82
C ALA A 153 -22.86 -5.60 -19.93
N ARG A 154 -22.03 -4.60 -20.22
CA ARG A 154 -20.99 -4.76 -21.23
C ARG A 154 -19.83 -5.59 -20.69
N VAL A 155 -19.41 -5.33 -19.45
CA VAL A 155 -18.28 -6.05 -18.88
C VAL A 155 -18.56 -7.55 -18.85
N MET A 156 -19.74 -7.94 -18.37
CA MET A 156 -20.09 -9.36 -18.36
C MET A 156 -20.13 -9.94 -19.77
N GLY A 157 -20.51 -9.13 -20.76
CA GLY A 157 -20.69 -9.66 -22.11
C GLY A 157 -19.38 -10.09 -22.76
N GLU A 158 -18.31 -9.36 -22.52
CA GLU A 158 -16.99 -9.75 -23.02
C GLU A 158 -16.23 -10.64 -22.05
N LEU A 159 -16.57 -10.56 -20.76
CA LEU A 159 -15.88 -11.36 -19.76
C LEU A 159 -16.33 -12.81 -19.81
N LEU A 160 -17.63 -13.04 -19.98
CA LEU A 160 -18.18 -14.40 -19.90
C LEU A 160 -17.49 -15.37 -20.84
N PRO A 161 -17.31 -15.08 -22.14
CA PRO A 161 -16.64 -16.06 -23.01
C PRO A 161 -15.25 -16.42 -22.52
N ARG A 162 -14.51 -15.47 -21.94
CA ARG A 162 -13.16 -15.76 -21.50
C ARG A 162 -13.16 -16.67 -20.27
N VAL A 163 -14.04 -16.38 -19.30
CA VAL A 163 -14.08 -17.21 -18.10
C VAL A 163 -14.62 -18.59 -18.42
N LYS A 164 -15.65 -18.68 -19.26
CA LYS A 164 -16.16 -19.99 -19.64
C LYS A 164 -15.07 -20.83 -20.32
N ALA A 165 -14.25 -20.20 -21.16
CA ALA A 165 -13.20 -20.95 -21.84
C ALA A 165 -12.19 -21.50 -20.84
N LEU A 166 -11.81 -20.71 -19.83
CA LEU A 166 -10.94 -21.19 -18.78
C LEU A 166 -11.61 -22.29 -17.96
N ALA A 167 -12.89 -22.12 -17.63
CA ALA A 167 -13.62 -23.13 -16.90
C ALA A 167 -13.66 -24.45 -17.67
N LEU A 168 -13.85 -24.38 -18.98
CA LEU A 168 -13.86 -25.59 -19.79
C LEU A 168 -12.51 -26.30 -19.74
N LEU A 169 -11.41 -25.52 -19.75
CA LEU A 169 -10.10 -26.17 -19.61
C LEU A 169 -9.96 -26.81 -18.24
N ALA A 170 -10.43 -26.13 -17.19
CA ALA A 170 -10.36 -26.70 -15.85
C ALA A 170 -11.21 -27.98 -15.76
N LYS A 171 -12.38 -27.97 -16.40
CA LYS A 171 -13.19 -29.19 -16.45
C LYS A 171 -12.45 -30.32 -17.16
N ASN A 172 -11.74 -30.01 -18.25
CA ASN A 172 -11.02 -31.04 -19.00
C ASN A 172 -10.02 -31.80 -18.11
N TYR A 173 -9.37 -31.09 -17.19
CA TYR A 173 -8.38 -31.69 -16.30
C TYR A 173 -8.94 -32.04 -14.94
N ASP A 174 -10.20 -31.69 -14.69
CA ASP A 174 -10.86 -31.88 -13.39
C ASP A 174 -10.08 -31.23 -12.25
N ILE A 175 -9.84 -29.93 -12.40
CA ILE A 175 -9.22 -29.12 -11.35
C ILE A 175 -10.17 -28.01 -10.95
N GLY A 176 -9.91 -27.45 -9.76
CA GLY A 176 -10.71 -26.32 -9.29
C GLY A 176 -10.32 -25.01 -9.96
N LEU A 177 -11.32 -24.16 -10.16
CA LEU A 177 -11.12 -22.83 -10.71
C LEU A 177 -11.94 -21.88 -9.86
N ASN A 178 -11.25 -21.02 -9.11
CA ASN A 178 -11.88 -20.12 -8.16
C ASN A 178 -11.86 -18.68 -8.66
N ILE A 179 -12.99 -18.00 -8.55
CA ILE A 179 -13.06 -16.56 -8.83
C ILE A 179 -12.80 -15.80 -7.52
N ASP A 180 -11.67 -15.10 -7.45
CA ASP A 180 -11.37 -14.28 -6.27
C ASP A 180 -12.35 -13.11 -6.14
N ALA A 181 -12.54 -12.65 -4.90
CA ALA A 181 -13.41 -11.52 -4.63
C ALA A 181 -12.59 -10.24 -4.51
N GLU A 182 -13.07 -9.17 -5.15
CA GLU A 182 -12.33 -7.91 -5.12
C GLU A 182 -13.20 -6.82 -4.50
N GLU A 183 -13.38 -5.68 -5.17
CA GLU A 183 -14.08 -4.56 -4.55
C GLU A 183 -15.58 -4.83 -4.40
N ALA A 184 -16.18 -4.18 -3.40
CA ALA A 184 -17.59 -4.41 -3.09
C ALA A 184 -18.49 -4.09 -4.28
N ASP A 185 -18.15 -3.07 -5.06
CA ASP A 185 -19.06 -2.68 -6.14
C ASP A 185 -19.01 -3.62 -7.33
N ARG A 186 -18.22 -4.70 -7.27
CA ARG A 186 -18.19 -5.69 -8.34
C ARG A 186 -18.73 -7.05 -7.90
N LEU A 187 -19.22 -7.17 -6.66
CA LEU A 187 -19.81 -8.43 -6.22
C LEU A 187 -20.95 -8.86 -7.14
N GLU A 188 -21.90 -7.96 -7.41
CA GLU A 188 -23.10 -8.35 -8.15
C GLU A 188 -22.75 -8.86 -9.54
N LEU A 189 -21.85 -8.17 -10.24
CA LEU A 189 -21.41 -8.60 -11.56
C LEU A 189 -20.82 -10.00 -11.51
N SER A 190 -19.88 -10.23 -10.59
CA SER A 190 -19.22 -11.52 -10.51
C SER A 190 -20.22 -12.62 -10.16
N LEU A 191 -21.22 -12.29 -9.33
CA LEU A 191 -22.23 -13.26 -8.97
C LEU A 191 -23.09 -13.65 -10.17
N ASP A 192 -23.42 -12.68 -11.03
CA ASP A 192 -24.16 -13.00 -12.25
C ASP A 192 -23.36 -13.93 -13.15
N LEU A 193 -22.04 -13.75 -13.20
CA LEU A 193 -21.20 -14.64 -14.00
C LEU A 193 -21.20 -16.05 -13.44
N LEU A 194 -21.09 -16.18 -12.11
CA LEU A 194 -21.15 -17.49 -11.48
C LEU A 194 -22.45 -18.22 -11.82
N GLU A 195 -23.58 -17.50 -11.80
CA GLU A 195 -24.84 -18.17 -12.07
C GLU A 195 -24.90 -18.68 -13.51
N VAL A 196 -24.48 -17.86 -14.47
CA VAL A 196 -24.49 -18.29 -15.87
C VAL A 196 -23.63 -19.54 -16.04
N LEU A 197 -22.45 -19.56 -15.43
CA LEU A 197 -21.55 -20.71 -15.57
C LEU A 197 -22.16 -21.97 -14.95
N CYS A 198 -22.78 -21.85 -13.77
CA CYS A 198 -23.33 -23.01 -13.09
C CYS A 198 -24.54 -23.58 -13.84
N LEU A 199 -25.22 -22.79 -14.65
CA LEU A 199 -26.35 -23.27 -15.43
C LEU A 199 -25.95 -23.67 -16.85
N ASP A 200 -24.66 -23.56 -17.19
CA ASP A 200 -24.18 -23.84 -18.53
C ASP A 200 -23.96 -25.35 -18.69
N GLY A 201 -24.70 -25.95 -19.62
CA GLY A 201 -24.61 -27.40 -19.83
C GLY A 201 -23.26 -27.88 -20.30
N ASP A 202 -22.45 -27.01 -20.91
CA ASP A 202 -21.12 -27.41 -21.35
C ASP A 202 -20.19 -27.74 -20.18
N LEU A 203 -20.51 -27.27 -18.98
CA LEU A 203 -19.68 -27.51 -17.80
C LEU A 203 -20.25 -28.57 -16.89
N SER A 204 -21.19 -29.37 -17.37
CA SER A 204 -21.87 -30.35 -16.53
C SER A 204 -20.90 -31.43 -16.05
N GLY A 205 -21.15 -31.90 -14.83
CA GLY A 205 -20.38 -32.98 -14.26
C GLY A 205 -19.07 -32.55 -13.64
N TRP A 206 -18.77 -31.27 -13.64
CA TRP A 206 -17.55 -30.73 -13.06
C TRP A 206 -17.94 -29.89 -11.85
N ASN A 207 -17.36 -30.23 -10.69
CA ASN A 207 -17.65 -29.51 -9.45
C ASN A 207 -16.52 -28.56 -9.05
N GLY A 208 -15.67 -28.16 -10.00
CA GLY A 208 -14.53 -27.34 -9.63
C GLY A 208 -14.74 -25.86 -9.59
N MET A 209 -15.91 -25.35 -10.00
CA MET A 209 -16.12 -23.90 -9.98
C MET A 209 -16.15 -23.39 -8.56
N GLY A 210 -15.38 -22.34 -8.29
CA GLY A 210 -15.29 -21.80 -6.95
C GLY A 210 -15.53 -20.31 -6.93
N PHE A 211 -15.91 -19.82 -5.74
CA PHE A 211 -16.31 -18.43 -5.58
C PHE A 211 -15.96 -17.96 -4.18
N VAL A 212 -15.37 -16.77 -4.06
CA VAL A 212 -15.03 -16.19 -2.77
C VAL A 212 -16.15 -15.28 -2.29
N VAL A 213 -16.47 -15.37 -1.00
CA VAL A 213 -17.40 -14.44 -0.37
C VAL A 213 -16.71 -13.80 0.84
N GLN A 214 -16.86 -12.47 0.99
CA GLN A 214 -16.15 -11.69 1.99
C GLN A 214 -17.05 -11.38 3.18
N ALA A 215 -16.68 -11.90 4.37
CA ALA A 215 -17.49 -11.76 5.57
C ALA A 215 -17.54 -10.33 6.11
N TYR A 216 -16.65 -9.44 5.67
CA TYR A 216 -16.79 -8.07 6.15
C TYR A 216 -17.86 -7.31 5.39
N GLY A 217 -18.47 -7.93 4.36
CA GLY A 217 -19.55 -7.31 3.65
C GLY A 217 -20.89 -7.61 4.30
N LYS A 218 -21.73 -6.57 4.34
CA LYS A 218 -23.08 -6.71 4.90
C LYS A 218 -23.93 -7.70 4.10
N ARG A 219 -23.60 -7.93 2.83
CA ARG A 219 -24.37 -8.85 2.00
C ARG A 219 -23.98 -10.31 2.17
N CYS A 220 -22.89 -10.60 2.89
CA CYS A 220 -22.31 -11.94 2.90
C CYS A 220 -23.33 -13.05 3.17
N PRO A 221 -24.12 -13.04 4.25
CA PRO A 221 -25.03 -14.18 4.46
C PRO A 221 -26.06 -14.36 3.36
N PHE A 222 -26.49 -13.26 2.72
CA PHE A 222 -27.48 -13.37 1.66
C PHE A 222 -26.85 -13.83 0.35
N VAL A 223 -25.61 -13.44 0.10
CA VAL A 223 -24.87 -14.05 -1.02
C VAL A 223 -24.75 -15.55 -0.81
N LEU A 224 -24.42 -15.98 0.41
CA LEU A 224 -24.29 -17.41 0.67
C LEU A 224 -25.62 -18.13 0.46
N ASP A 225 -26.73 -17.56 0.93
CA ASP A 225 -28.04 -18.19 0.69
C ASP A 225 -28.27 -18.39 -0.81
N PHE A 226 -28.00 -17.34 -1.61
CA PHE A 226 -28.15 -17.44 -3.05
C PHE A 226 -27.25 -18.54 -3.63
N ILE A 227 -25.99 -18.61 -3.19
CA ILE A 227 -25.06 -19.58 -3.75
C ILE A 227 -25.44 -20.99 -3.36
N ILE A 228 -25.88 -21.18 -2.10
CA ILE A 228 -26.29 -22.50 -1.65
C ILE A 228 -27.50 -22.98 -2.43
N ASP A 229 -28.47 -22.10 -2.66
CA ASP A 229 -29.63 -22.49 -3.49
C ASP A 229 -29.22 -22.73 -4.93
N LEU A 230 -28.30 -21.92 -5.47
CA LEU A 230 -27.82 -22.12 -6.83
C LEU A 230 -27.14 -23.46 -6.98
N ALA A 231 -26.30 -23.83 -6.02
CA ALA A 231 -25.68 -25.15 -6.05
C ALA A 231 -26.72 -26.24 -6.04
N ARG A 232 -27.73 -26.11 -5.18
CA ARG A 232 -28.72 -27.17 -5.03
C ARG A 232 -29.53 -27.33 -6.30
N ARG A 233 -29.93 -26.24 -6.96
CA ARG A 233 -30.78 -26.42 -8.12
C ARG A 233 -29.99 -26.65 -9.41
N SER A 234 -28.71 -26.27 -9.44
CA SER A 234 -27.88 -26.50 -10.61
C SER A 234 -27.18 -27.85 -10.59
N GLY A 235 -27.08 -28.49 -9.42
CA GLY A 235 -26.28 -29.71 -9.32
C GLY A 235 -24.79 -29.52 -9.32
N ARG A 236 -24.30 -28.28 -9.20
CA ARG A 236 -22.87 -27.99 -9.10
C ARG A 236 -22.52 -27.83 -7.63
N ARG A 237 -21.55 -28.61 -7.14
CA ARG A 237 -21.12 -28.47 -5.76
C ARG A 237 -20.13 -27.32 -5.70
N ILE A 238 -20.67 -26.11 -5.60
CA ILE A 238 -19.85 -24.91 -5.70
C ILE A 238 -18.84 -24.87 -4.56
N MET A 239 -17.59 -24.60 -4.89
CA MET A 239 -16.55 -24.41 -3.88
C MET A 239 -16.64 -22.98 -3.39
N VAL A 240 -16.87 -22.78 -2.10
CA VAL A 240 -17.09 -21.44 -1.55
C VAL A 240 -15.95 -21.12 -0.59
N ARG A 241 -15.11 -20.18 -0.97
CA ARG A 241 -14.04 -19.73 -0.09
C ARG A 241 -14.57 -18.57 0.76
N LEU A 242 -14.72 -18.80 2.06
CA LEU A 242 -15.12 -17.75 3.00
C LEU A 242 -13.88 -17.05 3.50
N VAL A 243 -13.76 -15.75 3.19
CA VAL A 243 -12.67 -14.92 3.68
C VAL A 243 -13.29 -13.80 4.51
N LYS A 244 -12.44 -13.13 5.29
CA LYS A 244 -12.96 -11.93 5.95
C LYS A 244 -12.99 -10.72 5.00
N GLY A 245 -11.93 -10.49 4.24
CA GLY A 245 -11.92 -9.45 3.21
C GLY A 245 -10.64 -8.67 3.19
N ALA A 246 -10.09 -8.42 2.00
CA ALA A 246 -8.75 -7.85 1.87
C ALA A 246 -8.70 -6.36 1.55
N TYR A 247 -9.84 -5.71 1.32
CA TYR A 247 -9.85 -4.35 0.78
C TYR A 247 -10.48 -3.35 1.75
N TRP A 248 -10.38 -3.61 3.06
CA TRP A 248 -11.16 -2.83 4.01
C TRP A 248 -10.80 -1.35 3.93
N ASP A 249 -9.51 -1.02 4.00
CA ASP A 249 -9.13 0.40 4.02
C ASP A 249 -9.57 1.10 2.74
N ALA A 250 -9.52 0.41 1.60
CA ALA A 250 -9.96 1.01 0.35
C ALA A 250 -11.48 1.20 0.33
N GLU A 251 -12.23 0.25 0.87
CA GLU A 251 -13.68 0.40 0.91
C GLU A 251 -14.09 1.55 1.81
N ILE A 252 -13.43 1.70 2.95
CA ILE A 252 -13.73 2.82 3.86
C ILE A 252 -13.45 4.15 3.16
N LYS A 253 -12.29 4.26 2.51
CA LYS A 253 -11.92 5.51 1.86
C LYS A 253 -12.88 5.85 0.72
N ARG A 254 -13.23 4.85 -0.10
CA ARG A 254 -14.22 5.09 -1.15
C ARG A 254 -15.56 5.51 -0.56
N ALA A 255 -15.96 4.89 0.56
CA ALA A 255 -17.26 5.18 1.14
C ALA A 255 -17.31 6.59 1.73
N GLN A 256 -16.22 7.02 2.36
CA GLN A 256 -16.17 8.38 2.88
C GLN A 256 -16.19 9.40 1.75
N LEU A 257 -15.52 9.10 0.64
CA LEU A 257 -15.55 9.99 -0.52
C LEU A 257 -16.96 10.08 -1.11
N ASP A 258 -17.67 8.96 -1.20
CA ASP A 258 -19.04 8.95 -1.68
C ASP A 258 -20.02 9.64 -0.73
N GLY A 259 -19.56 10.09 0.44
CA GLY A 259 -20.41 10.78 1.38
C GLY A 259 -21.53 9.93 1.96
N LEU A 260 -21.32 8.62 2.01
CA LEU A 260 -22.37 7.70 2.46
C LEU A 260 -22.40 7.60 3.98
N ALA A 261 -23.61 7.58 4.54
CA ALA A 261 -23.74 7.33 5.97
C ALA A 261 -23.52 5.86 6.30
N ASP A 262 -23.90 4.97 5.39
CA ASP A 262 -23.82 3.53 5.61
C ASP A 262 -22.93 2.91 4.54
N PHE A 263 -21.92 2.19 4.98
CA PHE A 263 -20.90 1.61 4.12
C PHE A 263 -21.31 0.20 3.70
N PRO A 264 -20.68 -0.35 2.65
CA PRO A 264 -20.98 -1.75 2.27
C PRO A 264 -20.26 -2.77 3.13
N VAL A 265 -19.38 -2.32 4.02
CA VAL A 265 -18.62 -3.21 4.89
C VAL A 265 -18.79 -2.75 6.33
N PHE A 266 -18.53 -3.69 7.24
CA PHE A 266 -18.53 -3.37 8.66
C PHE A 266 -17.35 -2.47 8.99
N THR A 267 -17.47 -1.70 10.06
CA THR A 267 -16.43 -0.77 10.47
C THR A 267 -15.77 -1.17 11.79
N ARG A 268 -16.23 -2.24 12.42
CA ARG A 268 -15.63 -2.77 13.65
C ARG A 268 -15.16 -4.18 13.36
N LYS A 269 -13.91 -4.48 13.73
CA LYS A 269 -13.34 -5.77 13.36
C LYS A 269 -14.12 -6.91 13.99
N ILE A 270 -14.64 -6.70 15.20
CA ILE A 270 -15.39 -7.76 15.87
C ILE A 270 -16.67 -8.09 15.09
N HIS A 271 -17.26 -7.10 14.39
CA HIS A 271 -18.43 -7.39 13.58
C HIS A 271 -18.10 -8.33 12.42
N THR A 272 -16.95 -8.12 11.78
CA THR A 272 -16.51 -9.04 10.75
C THR A 272 -16.26 -10.44 11.32
N ASP A 273 -15.70 -10.51 12.52
CA ASP A 273 -15.44 -11.82 13.12
C ASP A 273 -16.74 -12.57 13.39
N VAL A 274 -17.75 -11.87 13.92
CA VAL A 274 -19.05 -12.49 14.16
C VAL A 274 -19.67 -12.93 12.85
N SER A 275 -19.60 -12.08 11.82
CA SER A 275 -20.15 -12.39 10.51
C SER A 275 -19.51 -13.64 9.92
N TYR A 276 -18.18 -13.77 10.06
CA TYR A 276 -17.50 -14.95 9.57
C TYR A 276 -18.01 -16.23 10.23
N ILE A 277 -18.15 -16.20 11.57
CA ILE A 277 -18.62 -17.39 12.29
C ILE A 277 -20.05 -17.72 11.89
N ALA A 278 -20.91 -16.70 11.81
CA ALA A 278 -22.29 -16.93 11.41
C ALA A 278 -22.36 -17.53 10.01
N CYS A 279 -21.54 -17.00 9.10
CA CYS A 279 -21.55 -17.52 7.74
C CYS A 279 -20.93 -18.90 7.66
N ALA A 280 -19.96 -19.20 8.52
CA ALA A 280 -19.42 -20.55 8.58
C ALA A 280 -20.48 -21.55 9.01
N ALA A 281 -21.31 -21.19 10.00
CA ALA A 281 -22.39 -22.07 10.42
C ALA A 281 -23.34 -22.35 9.27
N LYS A 282 -23.64 -21.31 8.48
CA LYS A 282 -24.51 -21.48 7.32
C LYS A 282 -23.90 -22.46 6.31
N LEU A 283 -22.60 -22.30 6.03
CA LEU A 283 -21.93 -23.18 5.08
C LEU A 283 -21.84 -24.60 5.61
N LEU A 284 -21.54 -24.78 6.89
CA LEU A 284 -21.40 -26.13 7.42
C LEU A 284 -22.71 -26.89 7.43
N ALA A 285 -23.83 -26.17 7.44
CA ALA A 285 -25.14 -26.82 7.37
C ALA A 285 -25.51 -27.24 5.96
N ALA A 286 -24.68 -26.90 4.96
CA ALA A 286 -24.99 -27.12 3.56
C ALA A 286 -23.88 -27.88 2.84
N THR A 287 -23.08 -28.67 3.55
CA THR A 287 -21.99 -29.36 2.89
C THR A 287 -22.47 -30.40 1.88
N ASP A 288 -23.76 -30.74 1.87
CA ASP A 288 -24.28 -31.62 0.83
C ASP A 288 -24.14 -30.98 -0.55
N VAL A 289 -24.32 -29.65 -0.63
CA VAL A 289 -24.41 -28.99 -1.93
C VAL A 289 -23.29 -28.00 -2.19
N VAL A 290 -22.53 -27.56 -1.18
CA VAL A 290 -21.37 -26.72 -1.41
C VAL A 290 -20.18 -27.30 -0.67
N PHE A 291 -18.98 -26.88 -1.12
CA PHE A 291 -17.71 -27.27 -0.52
C PHE A 291 -17.13 -26.06 0.20
N PRO A 292 -17.34 -25.92 1.51
CA PRO A 292 -16.83 -24.74 2.22
C PRO A 292 -15.31 -24.78 2.35
N GLN A 293 -14.70 -23.62 2.17
CA GLN A 293 -13.25 -23.46 2.21
C GLN A 293 -12.99 -22.29 3.16
N PHE A 294 -12.53 -22.59 4.36
CA PHE A 294 -12.43 -21.59 5.41
C PHE A 294 -11.03 -21.00 5.41
N ALA A 295 -10.90 -19.86 4.75
CA ALA A 295 -9.64 -19.16 4.55
C ALA A 295 -9.43 -18.21 5.71
N THR A 296 -8.51 -18.56 6.62
CA THR A 296 -8.21 -17.72 7.77
C THR A 296 -6.86 -18.13 8.33
N HIS A 297 -6.16 -17.14 8.92
CA HIS A 297 -4.95 -17.40 9.71
C HIS A 297 -5.20 -17.23 11.20
N ASN A 298 -6.45 -17.00 11.61
CA ASN A 298 -6.79 -16.74 12.99
C ASN A 298 -7.11 -18.07 13.67
N ALA A 299 -6.29 -18.42 14.68
CA ALA A 299 -6.43 -19.71 15.36
C ALA A 299 -7.75 -19.84 16.13
N GLN A 300 -8.29 -18.72 16.64
CA GLN A 300 -9.59 -18.79 17.29
C GLN A 300 -10.70 -19.06 16.28
N THR A 301 -10.63 -18.40 15.12
CA THR A 301 -11.59 -18.65 14.06
C THR A 301 -11.53 -20.10 13.62
N LEU A 302 -10.32 -20.61 13.41
CA LEU A 302 -10.13 -21.98 12.95
C LEU A 302 -10.70 -22.96 13.97
N ALA A 303 -10.34 -22.78 15.26
CA ALA A 303 -10.81 -23.68 16.30
C ALA A 303 -12.33 -23.71 16.37
N ALA A 304 -12.97 -22.55 16.27
CA ALA A 304 -14.42 -22.49 16.31
C ALA A 304 -15.02 -23.35 15.20
N ILE A 305 -14.51 -23.18 13.98
CA ILE A 305 -15.07 -23.88 12.83
C ILE A 305 -14.80 -25.37 12.92
N TYR A 306 -13.58 -25.74 13.36
CA TYR A 306 -13.23 -27.14 13.54
C TYR A 306 -14.25 -27.87 14.43
N HIS A 307 -14.66 -27.23 15.52
CA HIS A 307 -15.62 -27.87 16.40
C HIS A 307 -17.06 -27.71 15.91
N MET A 308 -17.37 -26.60 15.25
CA MET A 308 -18.70 -26.43 14.65
C MET A 308 -18.99 -27.51 13.63
N ALA A 309 -17.96 -27.99 12.93
CA ALA A 309 -18.17 -28.95 11.85
C ALA A 309 -18.55 -30.34 12.35
N GLY A 310 -18.30 -30.65 13.63
CA GLY A 310 -18.67 -31.95 14.17
C GLY A 310 -17.58 -32.99 14.03
N LYS A 311 -17.90 -34.20 14.48
CA LYS A 311 -16.93 -35.29 14.47
C LYS A 311 -16.81 -35.97 13.11
N ASP A 312 -17.84 -35.89 12.28
CA ASP A 312 -17.80 -36.53 10.96
C ASP A 312 -16.94 -35.72 10.00
N PHE A 313 -16.00 -36.38 9.35
CA PHE A 313 -15.22 -35.71 8.32
C PHE A 313 -14.75 -36.70 7.25
N HIS A 314 -14.71 -36.21 6.02
CA HIS A 314 -14.11 -36.94 4.91
C HIS A 314 -13.52 -35.90 3.98
N VAL A 315 -12.46 -36.27 3.26
CA VAL A 315 -11.93 -35.39 2.23
C VAL A 315 -13.02 -35.06 1.23
N GLY A 316 -13.22 -33.75 0.99
CA GLY A 316 -14.31 -33.25 0.20
C GLY A 316 -15.46 -32.69 0.99
N LYS A 317 -15.48 -32.87 2.32
CA LYS A 317 -16.56 -32.25 3.11
C LYS A 317 -16.35 -30.75 3.21
N TYR A 318 -15.17 -30.34 3.68
CA TYR A 318 -14.74 -28.95 3.73
C TYR A 318 -13.22 -28.94 3.82
N GLU A 319 -12.63 -27.76 3.68
CA GLU A 319 -11.20 -27.61 3.92
C GLU A 319 -10.95 -26.24 4.53
N PHE A 320 -9.76 -26.08 5.09
CA PHE A 320 -9.24 -24.77 5.43
C PHE A 320 -8.36 -24.26 4.30
N GLN A 321 -8.03 -22.98 4.36
CA GLN A 321 -7.12 -22.39 3.39
C GLN A 321 -6.25 -21.35 4.07
N CYS A 322 -5.06 -21.12 3.51
CA CYS A 322 -4.16 -20.09 4.03
C CYS A 322 -3.35 -19.51 2.89
N LEU A 323 -2.70 -18.38 3.15
CA LEU A 323 -1.78 -17.77 2.18
C LEU A 323 -0.37 -18.31 2.32
N HIS A 324 0.28 -18.55 1.17
CA HIS A 324 1.69 -18.93 1.16
C HIS A 324 2.54 -17.94 1.94
N GLY A 325 3.43 -18.47 2.80
CA GLY A 325 4.32 -17.63 3.57
C GLY A 325 3.71 -17.02 4.81
N MET A 326 2.43 -17.26 5.07
CA MET A 326 1.74 -16.74 6.24
C MET A 326 1.14 -17.84 7.11
N GLY A 327 0.55 -18.86 6.50
CA GLY A 327 -0.27 -19.77 7.23
C GLY A 327 0.41 -21.05 7.66
N GLU A 328 1.62 -21.30 7.17
CA GLU A 328 2.23 -22.59 7.44
C GLU A 328 2.49 -22.83 8.93
N PRO A 329 2.93 -21.85 9.73
CA PRO A 329 3.14 -22.14 11.16
C PRO A 329 1.87 -22.59 11.86
N LEU A 330 0.73 -22.00 11.52
CA LEU A 330 -0.51 -22.43 12.14
C LEU A 330 -0.95 -23.79 11.60
N TYR A 331 -0.96 -23.94 10.28
CA TYR A 331 -1.56 -25.14 9.71
C TYR A 331 -0.67 -26.37 9.83
N GLU A 332 0.61 -26.20 10.17
CA GLU A 332 1.42 -27.35 10.58
C GLU A 332 0.93 -27.95 11.89
N GLU A 333 0.09 -27.23 12.64
CA GLU A 333 -0.56 -27.75 13.83
C GLU A 333 -1.97 -28.28 13.53
N VAL A 334 -2.33 -28.38 12.26
CA VAL A 334 -3.68 -28.74 11.85
C VAL A 334 -3.66 -29.95 10.93
N VAL A 335 -2.86 -29.87 9.86
CA VAL A 335 -2.84 -30.94 8.86
CA VAL A 335 -2.82 -30.93 8.86
C VAL A 335 -2.13 -32.16 9.43
N GLY A 336 -2.56 -33.32 8.98
CA GLY A 336 -1.85 -34.55 9.30
C GLY A 336 -2.47 -35.30 10.47
N ARG A 337 -2.15 -36.60 10.52
CA ARG A 337 -2.82 -37.48 11.48
C ARG A 337 -2.32 -37.29 12.91
N GLY A 338 -1.19 -36.61 13.10
CA GLY A 338 -0.76 -36.31 14.46
C GLY A 338 -1.32 -35.02 15.00
N LYS A 339 -2.12 -34.30 14.20
CA LYS A 339 -2.62 -32.99 14.56
C LYS A 339 -4.14 -33.07 14.53
N LEU A 340 -4.83 -32.17 13.81
CA LEU A 340 -6.28 -32.21 13.73
C LEU A 340 -6.80 -33.02 12.54
N ASP A 341 -5.91 -33.49 11.65
CA ASP A 341 -6.29 -34.29 10.49
C ASP A 341 -7.34 -33.60 9.62
N ARG A 342 -7.11 -32.31 9.37
CA ARG A 342 -7.95 -31.59 8.43
C ARG A 342 -7.07 -30.97 7.34
N PRO A 343 -7.53 -30.94 6.09
CA PRO A 343 -6.69 -30.42 5.00
C PRO A 343 -6.70 -28.90 4.95
N CYS A 344 -5.65 -28.37 4.33
CA CYS A 344 -5.52 -26.94 4.13
C CYS A 344 -4.99 -26.71 2.72
N ARG A 345 -5.65 -25.82 1.97
CA ARG A 345 -5.17 -25.43 0.65
C ARG A 345 -4.40 -24.13 0.73
N ILE A 346 -3.18 -24.12 0.21
CA ILE A 346 -2.31 -22.95 0.22
C ILE A 346 -2.56 -22.13 -1.04
N TYR A 347 -2.92 -20.86 -0.85
CA TYR A 347 -3.02 -19.90 -1.94
C TYR A 347 -1.61 -19.47 -2.31
N ALA A 348 -1.20 -19.75 -3.54
CA ALA A 348 0.21 -19.68 -3.94
C ALA A 348 0.42 -18.67 -5.07
N PRO A 349 0.86 -17.44 -4.76
CA PRO A 349 1.15 -16.48 -5.83
C PRO A 349 2.30 -16.92 -6.71
N VAL A 350 2.15 -16.66 -8.01
CA VAL A 350 3.13 -17.03 -9.02
C VAL A 350 3.36 -15.83 -9.91
N GLY A 351 4.60 -15.37 -9.98
CA GLY A 351 4.88 -14.25 -10.86
C GLY A 351 6.16 -13.53 -10.49
N THR A 352 6.40 -12.45 -11.21
CA THR A 352 7.56 -11.60 -11.02
C THR A 352 7.33 -10.64 -9.86
N HIS A 353 8.43 -10.01 -9.41
CA HIS A 353 8.31 -8.98 -8.38
C HIS A 353 7.42 -7.83 -8.84
N GLU A 354 7.45 -7.51 -10.14
CA GLU A 354 6.63 -6.42 -10.69
C GLU A 354 5.15 -6.67 -10.43
N THR A 355 4.65 -7.82 -10.87
CA THR A 355 3.24 -8.13 -10.68
C THR A 355 2.88 -8.37 -9.21
N LEU A 356 3.87 -8.46 -8.34
CA LEU A 356 3.63 -8.83 -6.96
C LEU A 356 3.21 -7.64 -6.10
N LEU A 357 3.46 -6.41 -6.57
CA LEU A 357 3.42 -5.25 -5.68
C LEU A 357 2.04 -5.05 -5.05
N ALA A 358 0.97 -5.09 -5.86
CA ALA A 358 -0.37 -4.86 -5.31
C ALA A 358 -0.71 -5.88 -4.23
N TYR A 359 -0.43 -7.16 -4.50
CA TYR A 359 -0.60 -8.20 -3.50
C TYR A 359 0.21 -7.91 -2.24
N LEU A 360 1.46 -7.49 -2.41
CA LEU A 360 2.31 -7.18 -1.26
C LEU A 360 1.70 -6.09 -0.40
N VAL A 361 1.20 -5.03 -1.03
CA VAL A 361 0.58 -3.93 -0.29
C VAL A 361 -0.59 -4.45 0.55
N ARG A 362 -1.39 -5.34 -0.02
CA ARG A 362 -2.51 -5.89 0.77
C ARG A 362 -2.00 -6.73 1.92
N ARG A 363 -0.90 -7.46 1.73
CA ARG A 363 -0.31 -8.22 2.82
C ARG A 363 0.24 -7.32 3.92
N LEU A 364 0.76 -6.15 3.55
CA LEU A 364 1.24 -5.21 4.57
C LEU A 364 0.09 -4.66 5.40
N LEU A 365 -1.02 -4.31 4.74
CA LEU A 365 -2.17 -3.78 5.48
C LEU A 365 -2.75 -4.85 6.39
N GLU A 366 -2.57 -6.12 6.02
CA GLU A 366 -2.99 -7.25 6.83
C GLU A 366 -2.02 -7.51 7.98
N ASN A 367 -0.72 -7.63 7.68
CA ASN A 367 0.26 -8.01 8.69
C ASN A 367 0.65 -6.87 9.62
N GLY A 368 0.51 -5.62 9.19
CA GLY A 368 0.92 -4.49 9.99
C GLY A 368 -0.17 -3.85 10.82
N ALA A 369 -1.41 -4.30 10.71
CA ALA A 369 -2.49 -3.70 11.47
C ALA A 369 -2.53 -4.28 12.87
N ASN A 370 -2.68 -3.40 13.86
CA ASN A 370 -2.70 -3.82 15.26
C ASN A 370 -3.85 -4.78 15.54
N SER A 371 -4.92 -4.72 14.73
CA SER A 371 -6.08 -5.59 14.93
C SER A 371 -5.90 -6.98 14.34
N SER A 372 -4.85 -7.22 13.57
CA SER A 372 -4.71 -8.50 12.88
C SER A 372 -4.20 -9.60 13.82
N PHE A 373 -4.78 -10.80 13.67
CA PHE A 373 -4.31 -11.94 14.46
C PHE A 373 -2.81 -12.13 14.30
N VAL A 374 -2.29 -12.05 13.07
CA VAL A 374 -0.89 -12.36 12.85
C VAL A 374 0.02 -11.33 13.49
N HIS A 375 -0.48 -10.12 13.75
CA HIS A 375 0.32 -9.15 14.48
C HIS A 375 0.18 -9.36 15.98
N ARG A 376 -1.05 -9.60 16.45
CA ARG A 376 -1.31 -9.76 17.88
C ARG A 376 -0.59 -10.97 18.46
N ILE A 377 -0.43 -12.04 17.67
CA ILE A 377 0.20 -13.26 18.16
C ILE A 377 1.63 -13.00 18.61
N ASN A 378 2.27 -11.95 18.08
CA ASN A 378 3.63 -11.56 18.45
C ASN A 378 3.68 -10.33 19.35
N ASP A 379 2.54 -9.82 19.79
CA ASP A 379 2.48 -8.60 20.58
C ASP A 379 2.55 -8.98 22.06
N PRO A 380 3.60 -8.59 22.78
CA PRO A 380 3.69 -8.97 24.20
C PRO A 380 2.58 -8.39 25.06
N LYS A 381 1.88 -7.36 24.58
CA LYS A 381 0.77 -6.77 25.32
C LYS A 381 -0.52 -7.58 25.23
N VAL A 382 -0.57 -8.57 24.34
CA VAL A 382 -1.80 -9.30 24.06
C VAL A 382 -1.69 -10.68 24.70
N SER A 383 -2.57 -10.95 25.66
CA SER A 383 -2.56 -12.22 26.37
C SER A 383 -3.19 -13.34 25.54
N ILE A 384 -2.87 -14.58 25.92
CA ILE A 384 -3.52 -15.71 25.26
C ILE A 384 -5.01 -15.72 25.57
N ASP A 385 -5.41 -15.29 26.77
CA ASP A 385 -6.84 -15.21 27.09
C ASP A 385 -7.58 -14.32 26.11
N GLU A 386 -6.98 -13.18 25.75
CA GLU A 386 -7.61 -12.29 24.78
C GLU A 386 -7.66 -12.93 23.40
N LEU A 387 -6.61 -13.67 23.01
CA LEU A 387 -6.57 -14.27 21.67
C LEU A 387 -7.63 -15.35 21.50
N ILE A 388 -8.06 -16.01 22.57
CA ILE A 388 -9.05 -17.07 22.44
C ILE A 388 -10.45 -16.58 22.80
N ALA A 389 -10.65 -15.28 22.93
CA ALA A 389 -11.97 -14.75 23.19
C ALA A 389 -12.94 -15.08 22.06
N ASP A 390 -14.15 -15.48 22.43
CA ASP A 390 -15.21 -15.74 21.46
C ASP A 390 -15.83 -14.41 21.04
N PRO A 391 -15.81 -14.06 19.75
CA PRO A 391 -16.30 -12.73 19.33
C PRO A 391 -17.73 -12.44 19.75
N VAL A 392 -18.61 -13.44 19.81
CA VAL A 392 -19.99 -13.20 20.22
C VAL A 392 -20.05 -12.74 21.67
N GLU A 393 -19.30 -13.42 22.54
CA GLU A 393 -19.29 -13.07 23.96
C GLU A 393 -18.68 -11.70 24.22
N VAL A 394 -17.84 -11.20 23.30
CA VAL A 394 -17.22 -9.90 23.46
C VAL A 394 -18.04 -8.78 22.81
N VAL A 395 -18.85 -9.09 21.81
CA VAL A 395 -19.58 -8.08 21.07
C VAL A 395 -20.85 -7.69 21.82
N ARG B 2 -2.31 41.18 -12.65
CA ARG B 2 -2.31 40.27 -11.52
C ARG B 2 -0.89 40.00 -11.03
N PRO B 3 -0.69 40.06 -9.71
CA PRO B 3 0.65 39.82 -9.15
C PRO B 3 1.21 38.48 -9.59
N GLN B 4 2.42 38.51 -10.14
CA GLN B 4 3.14 37.32 -10.58
C GLN B 4 2.36 36.58 -11.66
N SER B 5 1.62 37.32 -12.49
CA SER B 5 0.81 36.74 -13.54
C SER B 5 1.60 35.77 -14.40
N THR B 6 2.77 36.20 -14.87
CA THR B 6 3.53 35.37 -15.80
C THR B 6 3.95 34.06 -15.14
N LEU B 7 4.48 34.14 -13.91
CA LEU B 7 4.94 32.95 -13.20
C LEU B 7 3.77 32.03 -12.86
N ARG B 8 2.63 32.60 -12.45
CA ARG B 8 1.48 31.78 -12.11
C ARG B 8 0.87 31.14 -13.34
N ARG B 9 0.79 31.89 -14.45
CA ARG B 9 0.25 31.33 -15.69
C ARG B 9 1.12 30.20 -16.21
N ALA B 10 2.43 30.26 -15.99
CA ALA B 10 3.30 29.19 -16.45
C ALA B 10 3.08 27.91 -15.64
N ILE B 11 2.77 28.03 -14.35
CA ILE B 11 2.43 26.85 -13.56
C ILE B 11 1.17 26.19 -14.09
N THR B 12 0.10 27.00 -14.26
CA THR B 12 -1.17 26.49 -14.76
C THR B 12 -1.01 25.85 -16.13
N ALA B 13 -0.23 26.47 -17.02
CA ALA B 13 -0.07 25.93 -18.36
C ALA B 13 0.57 24.56 -18.33
N ALA B 14 1.46 24.31 -17.36
CA ALA B 14 2.16 23.02 -17.30
C ALA B 14 1.32 21.90 -16.69
N TYR B 15 0.27 22.23 -15.93
CA TYR B 15 -0.43 21.28 -15.07
C TYR B 15 -0.66 19.92 -15.74
N ARG B 16 -1.25 19.93 -16.93
CA ARG B 16 -1.51 18.73 -17.70
C ARG B 16 -0.99 18.88 -19.13
N ARG B 17 0.13 19.58 -19.29
CA ARG B 17 0.80 19.68 -20.58
C ARG B 17 1.28 18.31 -21.03
N PRO B 18 1.23 17.99 -22.33
CA PRO B 18 1.68 16.66 -22.78
C PRO B 18 3.12 16.36 -22.37
N GLU B 19 3.33 15.13 -21.93
CA GLU B 19 4.64 14.70 -21.41
C GLU B 19 5.75 14.94 -22.42
N THR B 20 5.53 14.60 -23.69
CA THR B 20 6.55 14.79 -24.71
C THR B 20 6.98 16.25 -24.82
N GLU B 21 6.05 17.19 -24.60
CA GLU B 21 6.40 18.61 -24.67
C GLU B 21 7.16 19.08 -23.43
N CYS B 22 6.93 18.44 -22.28
CA CYS B 22 7.62 18.87 -21.06
C CYS B 22 9.12 18.52 -21.10
N LEU B 23 9.50 17.49 -21.85
CA LEU B 23 10.82 16.90 -21.66
C LEU B 23 11.99 17.68 -22.25
N PRO B 24 11.90 18.21 -23.48
CA PRO B 24 13.11 18.80 -24.11
C PRO B 24 13.77 19.87 -23.27
N PRO B 25 13.03 20.83 -22.68
CA PRO B 25 13.73 21.79 -21.80
C PRO B 25 14.37 21.15 -20.58
N LEU B 26 13.75 20.09 -20.03
CA LEU B 26 14.35 19.40 -18.89
C LEU B 26 15.61 18.65 -19.30
N VAL B 27 15.58 18.01 -20.46
CA VAL B 27 16.75 17.29 -20.94
C VAL B 27 17.94 18.23 -21.12
N GLU B 28 17.70 19.39 -21.72
CA GLU B 28 18.78 20.36 -21.94
C GLU B 28 19.36 20.84 -20.63
N ALA B 29 18.51 21.30 -19.70
CA ALA B 29 18.99 21.78 -18.43
C ALA B 29 19.66 20.69 -17.59
N ALA B 30 19.33 19.42 -17.83
CA ALA B 30 19.93 18.31 -17.09
C ALA B 30 21.17 17.74 -17.75
N THR B 31 21.54 18.23 -18.94
CA THR B 31 22.75 17.77 -19.60
C THR B 31 23.98 18.40 -18.96
N GLN B 32 24.92 17.56 -18.54
CA GLN B 32 26.19 18.01 -17.99
C GLN B 32 27.32 17.60 -18.93
N SER B 33 28.47 18.25 -18.74
CA SER B 33 29.63 17.96 -19.58
C SER B 33 30.06 16.51 -19.41
N LYS B 34 30.78 16.01 -20.41
CA LYS B 34 31.30 14.65 -20.36
C LYS B 34 32.24 14.45 -19.19
N GLU B 35 33.03 15.47 -18.85
CA GLU B 35 33.97 15.36 -17.73
C GLU B 35 33.21 15.21 -16.41
N ILE B 36 32.21 16.05 -16.19
CA ILE B 36 31.42 15.94 -14.96
C ILE B 36 30.67 14.60 -14.92
N ARG B 37 30.17 14.15 -16.08
CA ARG B 37 29.50 12.85 -16.09
C ARG B 37 30.45 11.72 -15.75
N ASP B 38 31.70 11.81 -16.25
CA ASP B 38 32.70 10.80 -15.91
C ASP B 38 33.02 10.81 -14.42
N ALA B 39 33.17 12.01 -13.84
CA ALA B 39 33.46 12.12 -12.42
C ALA B 39 32.29 11.64 -11.58
N ALA B 40 31.07 12.00 -11.98
CA ALA B 40 29.88 11.52 -11.27
C ALA B 40 29.74 10.01 -11.37
N ALA B 41 30.06 9.44 -12.54
CA ALA B 41 30.01 7.98 -12.65
C ALA B 41 30.98 7.32 -11.69
N SER B 42 32.16 7.92 -11.52
CA SER B 42 33.15 7.39 -10.59
C SER B 42 32.65 7.45 -9.15
N THR B 43 32.07 8.59 -8.76
CA THR B 43 31.52 8.72 -7.42
C THR B 43 30.38 7.74 -7.20
N ALA B 44 29.46 7.63 -8.18
CA ALA B 44 28.33 6.72 -8.02
C ALA B 44 28.80 5.27 -7.90
N ARG B 45 29.81 4.89 -8.69
CA ARG B 45 30.36 3.54 -8.59
C ARG B 45 30.91 3.28 -7.18
N LYS B 46 31.66 4.24 -6.64
CA LYS B 46 32.18 4.11 -5.29
C LYS B 46 31.06 3.92 -4.27
N LEU B 47 30.01 4.74 -4.36
CA LEU B 47 28.93 4.68 -3.39
C LEU B 47 28.20 3.34 -3.46
N ILE B 48 27.96 2.85 -4.68
CA ILE B 48 27.26 1.58 -4.84
C ILE B 48 28.13 0.41 -4.39
N GLU B 49 29.43 0.44 -4.72
CA GLU B 49 30.32 -0.61 -4.25
C GLU B 49 30.37 -0.62 -2.73
N ALA B 50 30.35 0.56 -2.10
CA ALA B 50 30.23 0.60 -0.65
C ALA B 50 28.89 0.02 -0.20
N LEU B 51 27.81 0.38 -0.90
CA LEU B 51 26.47 -0.06 -0.52
C LEU B 51 26.30 -1.57 -0.67
N ARG B 52 26.57 -2.08 -1.88
CA ARG B 52 26.41 -3.52 -2.09
C ARG B 52 27.40 -4.32 -1.25
N GLY B 53 28.38 -3.66 -0.63
CA GLY B 53 29.33 -4.33 0.25
C GLY B 53 29.00 -4.17 1.73
N LYS B 54 27.77 -3.79 2.03
CA LYS B 54 27.29 -3.74 3.41
C LYS B 54 25.84 -4.19 3.46
N GLU B 67 8.65 -1.06 11.94
CA GLU B 67 9.33 -0.40 13.06
C GLU B 67 10.66 0.18 12.62
N GLN B 68 11.20 -0.37 11.52
CA GLN B 68 12.46 0.13 10.99
C GLN B 68 12.36 1.57 10.51
N PHE B 69 11.13 2.06 10.28
CA PHE B 69 10.92 3.37 9.69
C PHE B 69 10.58 4.45 10.70
N VAL B 70 10.42 4.11 11.97
CA VAL B 70 10.03 5.08 12.99
C VAL B 70 11.19 5.30 13.94
N THR B 71 11.47 6.56 14.27
CA THR B 71 12.58 6.90 15.14
CA THR B 71 12.59 6.86 15.15
C THR B 71 12.21 6.76 16.62
N GLY B 72 10.94 6.98 16.96
CA GLY B 72 10.49 6.82 18.33
C GLY B 72 8.98 6.95 18.41
N GLU B 73 8.43 6.45 19.52
CA GLU B 73 6.99 6.54 19.74
C GLU B 73 6.56 7.95 20.14
N THR B 74 7.47 8.71 20.77
CA THR B 74 7.20 10.07 21.19
C THR B 74 8.36 10.96 20.78
N ILE B 75 8.12 12.26 20.77
CA ILE B 75 9.18 13.18 20.37
C ILE B 75 10.34 13.13 21.36
N ARG B 76 10.07 12.91 22.64
CA ARG B 76 11.15 12.79 23.62
C ARG B 76 12.04 11.61 23.31
N GLU B 77 11.44 10.44 23.00
CA GLU B 77 12.25 9.27 22.66
C GLU B 77 12.99 9.47 21.35
N ALA B 78 12.32 10.07 20.35
CA ALA B 78 12.96 10.30 19.07
C ALA B 78 14.17 11.22 19.21
N LEU B 79 14.03 12.29 20.00
CA LEU B 79 15.14 13.21 20.23
C LEU B 79 16.30 12.52 20.93
N LYS B 80 16.01 11.64 21.88
CA LYS B 80 17.06 10.89 22.57
C LYS B 80 17.81 9.97 21.60
N ARG B 81 17.08 9.35 20.68
CA ARG B 81 17.68 8.42 19.72
C ARG B 81 18.45 9.12 18.61
N SER B 82 18.40 10.45 18.54
CA SER B 82 19.04 11.18 17.45
C SER B 82 20.49 11.56 17.76
N LYS B 83 20.96 11.38 19.00
CA LYS B 83 22.24 11.96 19.39
C LYS B 83 23.40 11.32 18.62
N GLU B 84 23.36 10.01 18.42
CA GLU B 84 24.47 9.30 17.80
C GLU B 84 24.75 9.82 16.39
N LEU B 85 23.72 9.89 15.54
CA LEU B 85 23.94 10.32 14.17
C LEU B 85 24.21 11.83 14.10
N GLU B 86 23.64 12.63 15.03
CA GLU B 86 23.99 14.05 15.03
C GLU B 86 25.46 14.24 15.34
N GLU B 87 26.01 13.42 16.23
CA GLU B 87 27.44 13.51 16.54
C GLU B 87 28.29 13.25 15.31
N LYS B 88 27.76 12.48 14.34
CA LYS B 88 28.49 12.18 13.11
C LYS B 88 28.38 13.28 12.05
N GLY B 89 27.44 14.20 12.19
CA GLY B 89 27.23 15.22 11.16
C GLY B 89 25.87 15.17 10.49
N PHE B 90 25.00 14.24 10.85
CA PHE B 90 23.63 14.26 10.37
C PHE B 90 22.82 15.27 11.15
N SER B 91 21.72 15.71 10.54
CA SER B 91 20.68 16.49 11.20
C SER B 91 19.36 15.74 11.05
N TYR B 92 18.29 16.31 11.62
CA TYR B 92 17.00 15.64 11.64
C TYR B 92 15.88 16.60 11.27
N SER B 93 14.84 16.04 10.65
CA SER B 93 13.54 16.69 10.51
C SER B 93 12.49 15.70 11.01
N TYR B 94 11.74 16.08 12.04
CA TYR B 94 10.82 15.15 12.68
C TYR B 94 9.43 15.25 12.08
N ASP B 95 8.83 14.09 11.81
CA ASP B 95 7.51 13.96 11.21
C ASP B 95 6.59 13.29 12.23
N MET B 96 5.70 14.08 12.85
CA MET B 96 4.68 13.50 13.72
C MET B 96 3.65 12.85 12.83
N LEU B 97 3.63 11.52 12.83
CA LEU B 97 2.80 10.76 11.91
C LEU B 97 1.34 11.15 12.08
N GLY B 98 0.71 11.52 10.97
CA GLY B 98 -0.64 12.04 10.99
C GLY B 98 -0.92 12.81 9.73
N GLU B 99 -2.03 12.47 9.07
CA GLU B 99 -2.39 13.13 7.82
C GLU B 99 -3.85 12.82 7.52
N ALA B 100 -4.40 13.59 6.59
CA ALA B 100 -5.75 13.39 6.09
C ALA B 100 -6.74 13.29 7.25
N ALA B 101 -6.75 14.35 8.07
CA ALA B 101 -7.69 14.45 9.16
C ALA B 101 -9.12 14.38 8.61
N THR B 102 -9.94 13.53 9.21
CA THR B 102 -11.33 13.38 8.77
C THR B 102 -12.32 14.16 9.64
N THR B 103 -11.92 14.55 10.85
CA THR B 103 -12.78 15.31 11.74
C THR B 103 -12.06 16.58 12.18
N ALA B 104 -12.86 17.59 12.54
CA ALA B 104 -12.28 18.82 13.09
C ALA B 104 -11.52 18.55 14.39
N ALA B 105 -11.98 17.55 15.16
CA ALA B 105 -11.27 17.16 16.38
C ALA B 105 -9.90 16.57 16.06
N ASP B 106 -9.83 15.74 15.01
CA ASP B 106 -8.54 15.17 14.62
C ASP B 106 -7.54 16.26 14.25
N ALA B 107 -7.99 17.26 13.49
CA ALA B 107 -7.09 18.34 13.09
C ALA B 107 -6.55 19.08 14.30
N GLU B 108 -7.42 19.38 15.28
CA GLU B 108 -6.97 20.07 16.49
C GLU B 108 -5.98 19.22 17.27
N ARG B 109 -6.18 17.90 17.28
CA ARG B 109 -5.24 17.00 17.93
C ARG B 109 -3.88 17.03 17.23
N TYR B 110 -3.88 16.94 15.90
CA TYR B 110 -2.63 17.01 15.15
C TYR B 110 -1.94 18.36 15.35
N TYR B 111 -2.72 19.44 15.39
CA TYR B 111 -2.13 20.75 15.66
C TYR B 111 -1.39 20.75 16.99
N ARG B 112 -2.03 20.22 18.04
CA ARG B 112 -1.39 20.20 19.36
C ARG B 112 -0.20 19.26 19.39
N ASP B 113 -0.20 18.20 18.56
CA ASP B 113 0.96 17.34 18.45
C ASP B 113 2.13 18.09 17.84
N TYR B 114 1.89 18.81 16.74
CA TYR B 114 2.95 19.61 16.13
C TYR B 114 3.43 20.69 17.10
N GLU B 115 2.49 21.37 17.77
CA GLU B 115 2.86 22.45 18.68
C GLU B 115 3.79 21.96 19.78
N SER B 116 3.43 20.86 20.45
CA SER B 116 4.27 20.34 21.52
CA SER B 116 4.27 20.36 21.52
C SER B 116 5.60 19.84 20.98
N ALA B 117 5.60 19.27 19.77
CA ALA B 117 6.84 18.81 19.17
C ALA B 117 7.79 19.97 18.92
N ILE B 118 7.27 21.11 18.46
CA ILE B 118 8.14 22.25 18.18
C ILE B 118 8.84 22.73 19.45
N HIS B 119 8.10 22.81 20.57
CA HIS B 119 8.71 23.14 21.84
C HIS B 119 9.82 22.15 22.20
N ALA B 120 9.58 20.86 22.02
CA ALA B 120 10.58 19.87 22.37
C ALA B 120 11.76 19.92 21.41
N ILE B 121 11.50 20.04 20.11
CA ILE B 121 12.59 20.12 19.15
C ILE B 121 13.38 21.40 19.34
N GLY B 122 12.68 22.50 19.62
CA GLY B 122 13.36 23.77 19.84
C GLY B 122 14.26 23.75 21.07
N LYS B 123 13.81 23.15 22.16
CA LYS B 123 14.67 23.00 23.33
C LYS B 123 15.89 22.17 23.02
N ALA B 124 15.69 21.05 22.30
CA ALA B 124 16.81 20.18 21.95
C ALA B 124 17.77 20.87 21.00
N SER B 125 17.25 21.68 20.07
CA SER B 125 18.11 22.43 19.16
C SER B 125 19.08 23.32 19.93
N ALA B 126 18.60 23.95 21.00
CA ALA B 126 19.46 24.71 21.91
C ALA B 126 20.28 25.77 21.16
N GLY B 127 19.65 26.43 20.20
CA GLY B 127 20.29 27.52 19.50
C GLY B 127 21.19 27.13 18.34
N ARG B 128 21.15 25.87 17.90
CA ARG B 128 22.01 25.48 16.80
C ARG B 128 21.59 26.08 15.46
N GLY B 129 20.37 26.61 15.35
CA GLY B 129 19.96 27.20 14.08
C GLY B 129 19.34 26.20 13.12
N ILE B 130 18.88 26.76 11.99
CA ILE B 130 18.07 25.98 11.06
C ILE B 130 18.87 25.00 10.21
N TYR B 131 20.19 25.16 10.08
CA TYR B 131 20.96 24.27 9.22
C TYR B 131 21.63 23.16 9.99
N GLU B 132 22.22 23.46 11.14
CA GLU B 132 22.88 22.45 11.94
C GLU B 132 21.91 21.74 12.87
N GLY B 133 20.87 22.44 13.31
CA GLY B 133 19.97 21.89 14.28
C GLY B 133 18.75 21.24 13.65
N PRO B 134 17.97 20.56 14.48
CA PRO B 134 16.79 19.82 13.99
C PRO B 134 15.65 20.76 13.61
N GLY B 135 14.79 20.24 12.74
CA GLY B 135 13.55 20.92 12.42
C GLY B 135 12.36 19.98 12.40
N ILE B 136 11.23 20.46 11.90
CA ILE B 136 10.00 19.68 11.89
C ILE B 136 9.42 19.74 10.49
N SER B 137 8.68 18.71 10.13
CA SER B 137 7.92 18.62 8.89
C SER B 137 6.45 18.44 9.22
N ILE B 138 5.58 19.17 8.51
CA ILE B 138 4.14 19.07 8.74
C ILE B 138 3.45 18.72 7.43
N LYS B 139 2.26 18.16 7.56
CA LYS B 139 1.37 17.92 6.42
C LYS B 139 0.12 18.77 6.58
N LEU B 140 -0.19 19.57 5.56
CA LEU B 140 -1.39 20.40 5.64
C LEU B 140 -2.67 19.57 5.78
N SER B 141 -2.69 18.35 5.23
CA SER B 141 -3.90 17.53 5.34
C SER B 141 -4.18 17.09 6.77
N ALA B 142 -3.18 17.16 7.66
CA ALA B 142 -3.40 16.86 9.07
C ALA B 142 -4.12 18.00 9.78
N LEU B 143 -4.08 19.22 9.24
CA LEU B 143 -4.51 20.41 9.97
C LEU B 143 -5.84 20.98 9.50
N HIS B 144 -6.46 20.41 8.47
CA HIS B 144 -7.80 20.79 8.05
C HIS B 144 -8.62 19.52 7.83
N PRO B 145 -9.84 19.45 8.38
CA PRO B 145 -10.55 18.16 8.41
C PRO B 145 -11.13 17.70 7.08
N ARG B 146 -11.16 18.55 6.07
CA ARG B 146 -11.63 18.13 4.75
C ARG B 146 -10.70 18.64 3.67
N TYR B 147 -9.39 18.51 3.92
CA TYR B 147 -8.39 19.21 3.13
C TYR B 147 -8.55 18.96 1.63
N SER B 148 -8.78 17.70 1.25
CA SER B 148 -8.87 17.37 -0.16
C SER B 148 -10.21 17.77 -0.79
N ARG B 149 -11.25 18.02 0.00
CA ARG B 149 -12.59 18.18 -0.55
C ARG B 149 -13.15 19.59 -0.44
N ALA B 150 -12.72 20.39 0.53
CA ALA B 150 -13.34 21.69 0.79
C ALA B 150 -12.76 22.78 -0.10
N GLN B 151 -13.59 23.79 -0.38
CA GLN B 151 -13.21 24.91 -1.22
C GLN B 151 -11.99 25.63 -0.66
N ALA B 152 -11.20 26.22 -1.56
CA ALA B 152 -9.92 26.84 -1.18
C ALA B 152 -10.12 27.99 -0.19
N ALA B 153 -11.17 28.80 -0.40
CA ALA B 153 -11.45 29.91 0.51
C ALA B 153 -11.56 29.42 1.95
N ARG B 154 -12.31 28.34 2.17
CA ARG B 154 -12.51 27.84 3.52
C ARG B 154 -11.24 27.18 4.05
N VAL B 155 -10.58 26.36 3.23
CA VAL B 155 -9.37 25.70 3.68
C VAL B 155 -8.30 26.73 4.04
N MET B 156 -8.09 27.72 3.17
CA MET B 156 -7.08 28.75 3.45
C MET B 156 -7.41 29.52 4.71
N GLY B 157 -8.66 29.94 4.87
CA GLY B 157 -9.03 30.83 5.96
C GLY B 157 -8.93 30.21 7.34
N GLU B 158 -8.98 28.89 7.44
CA GLU B 158 -8.83 28.21 8.73
C GLU B 158 -7.44 27.63 8.92
N LEU B 159 -6.80 27.20 7.83
CA LEU B 159 -5.48 26.62 7.90
C LEU B 159 -4.40 27.68 8.12
N LEU B 160 -4.53 28.83 7.46
CA LEU B 160 -3.47 29.84 7.53
C LEU B 160 -3.16 30.29 8.95
N PRO B 161 -4.14 30.57 9.82
CA PRO B 161 -3.79 30.91 11.21
C PRO B 161 -3.10 29.79 11.96
N ARG B 162 -3.45 28.53 11.68
CA ARG B 162 -2.81 27.41 12.36
C ARG B 162 -1.35 27.27 11.92
N VAL B 163 -1.10 27.35 10.61
CA VAL B 163 0.27 27.19 10.16
C VAL B 163 1.11 28.40 10.55
N LYS B 164 0.51 29.60 10.51
CA LYS B 164 1.26 30.77 10.98
C LYS B 164 1.67 30.61 12.44
N ALA B 165 0.77 30.08 13.27
CA ALA B 165 1.09 29.92 14.68
C ALA B 165 2.24 28.95 14.89
N LEU B 166 2.23 27.82 14.16
CA LEU B 166 3.34 26.89 14.25
C LEU B 166 4.62 27.52 13.73
N ALA B 167 4.54 28.25 12.62
CA ALA B 167 5.72 28.92 12.08
C ALA B 167 6.27 29.93 13.07
N LEU B 168 5.39 30.63 13.80
CA LEU B 168 5.86 31.57 14.81
C LEU B 168 6.65 30.86 15.91
N LEU B 169 6.16 29.71 16.37
CA LEU B 169 6.90 28.95 17.37
C LEU B 169 8.25 28.49 16.82
N ALA B 170 8.26 28.00 15.58
CA ALA B 170 9.53 27.60 14.96
C ALA B 170 10.48 28.78 14.87
N LYS B 171 9.97 29.96 14.52
CA LYS B 171 10.82 31.15 14.50
C LYS B 171 11.39 31.43 15.87
N ASN B 172 10.56 31.30 16.92
CA ASN B 172 10.99 31.63 18.28
C ASN B 172 12.14 30.74 18.76
N TYR B 173 12.26 29.53 18.22
CA TYR B 173 13.34 28.62 18.56
C TYR B 173 14.40 28.53 17.48
N ASP B 174 14.21 29.23 16.37
CA ASP B 174 15.08 29.21 15.21
C ASP B 174 15.33 27.77 14.72
N ILE B 175 14.23 27.09 14.41
CA ILE B 175 14.30 25.76 13.80
C ILE B 175 13.58 25.79 12.45
N GLY B 176 13.87 24.79 11.62
CA GLY B 176 13.18 24.67 10.35
C GLY B 176 11.77 24.12 10.52
N LEU B 177 10.89 24.59 9.64
CA LEU B 177 9.51 24.11 9.59
C LEU B 177 9.18 23.89 8.11
N ASN B 178 9.03 22.63 7.71
CA ASN B 178 8.87 22.27 6.32
C ASN B 178 7.44 21.82 6.04
N ILE B 179 6.85 22.30 4.94
CA ILE B 179 5.55 21.84 4.50
C ILE B 179 5.76 20.71 3.50
N ASP B 180 5.37 19.49 3.87
CA ASP B 180 5.48 18.34 2.99
C ASP B 180 4.54 18.50 1.80
N ALA B 181 4.89 17.86 0.69
CA ALA B 181 4.03 17.84 -0.49
C ALA B 181 3.19 16.58 -0.53
N GLU B 182 1.91 16.73 -0.87
CA GLU B 182 1.03 15.58 -0.90
C GLU B 182 0.49 15.37 -2.31
N GLU B 183 -0.82 15.20 -2.47
CA GLU B 183 -1.35 14.89 -3.79
C GLU B 183 -1.28 16.11 -4.71
N ALA B 184 -1.22 15.85 -6.02
CA ALA B 184 -1.00 16.92 -6.98
C ALA B 184 -2.11 17.98 -6.91
N ASP B 185 -3.34 17.61 -6.62
CA ASP B 185 -4.39 18.62 -6.63
C ASP B 185 -4.31 19.55 -5.42
N ARG B 186 -3.38 19.34 -4.51
CA ARG B 186 -3.20 20.19 -3.35
C ARG B 186 -2.06 21.18 -3.52
N LEU B 187 -1.33 21.10 -4.62
CA LEU B 187 -0.14 21.93 -4.79
C LEU B 187 -0.51 23.41 -4.78
N GLU B 188 -1.53 23.78 -5.54
CA GLU B 188 -1.85 25.21 -5.69
C GLU B 188 -2.15 25.87 -4.35
N LEU B 189 -3.01 25.25 -3.55
CA LEU B 189 -3.35 25.82 -2.25
C LEU B 189 -2.12 25.94 -1.35
N SER B 190 -1.31 24.87 -1.27
CA SER B 190 -0.14 24.88 -0.39
C SER B 190 0.84 25.98 -0.81
N LEU B 191 0.95 26.24 -2.11
CA LEU B 191 1.87 27.26 -2.59
C LEU B 191 1.34 28.66 -2.30
N ASP B 192 0.02 28.86 -2.39
CA ASP B 192 -0.57 30.14 -2.00
C ASP B 192 -0.32 30.42 -0.52
N LEU B 193 -0.41 29.38 0.31
CA LEU B 193 -0.14 29.52 1.73
C LEU B 193 1.32 29.87 1.99
N LEU B 194 2.24 29.21 1.29
CA LEU B 194 3.65 29.54 1.42
C LEU B 194 3.88 31.01 1.13
N GLU B 195 3.26 31.53 0.08
CA GLU B 195 3.46 32.92 -0.28
C GLU B 195 2.98 33.85 0.82
N VAL B 196 1.80 33.60 1.38
CA VAL B 196 1.26 34.50 2.41
C VAL B 196 2.17 34.49 3.64
N LEU B 197 2.70 33.33 4.00
CA LEU B 197 3.59 33.25 5.17
C LEU B 197 4.91 33.95 4.91
N CYS B 198 5.46 33.81 3.71
CA CYS B 198 6.74 34.44 3.39
C CYS B 198 6.62 35.97 3.34
N LEU B 199 5.44 36.50 3.07
CA LEU B 199 5.24 37.94 3.03
C LEU B 199 4.75 38.48 4.37
N ASP B 200 4.54 37.61 5.36
CA ASP B 200 4.04 38.03 6.66
C ASP B 200 5.19 38.58 7.49
N GLY B 201 5.10 39.87 7.83
CA GLY B 201 6.15 40.54 8.57
C GLY B 201 6.37 39.99 9.96
N ASP B 202 5.37 39.32 10.54
CA ASP B 202 5.54 38.75 11.87
C ASP B 202 6.59 37.63 11.88
N LEU B 203 6.87 37.03 10.72
CA LEU B 203 7.87 35.98 10.59
C LEU B 203 9.21 36.51 10.09
N SER B 204 9.40 37.83 10.09
CA SER B 204 10.62 38.41 9.55
C SER B 204 11.85 37.96 10.33
N GLY B 205 12.97 37.81 9.62
CA GLY B 205 14.23 37.47 10.24
C GLY B 205 14.46 35.99 10.44
N TRP B 206 13.51 35.16 10.08
CA TRP B 206 13.60 33.72 10.21
C TRP B 206 13.58 33.08 8.83
N ASN B 207 14.59 32.27 8.54
CA ASN B 207 14.70 31.61 7.25
C ASN B 207 14.36 30.12 7.32
N GLY B 208 13.63 29.69 8.35
CA GLY B 208 13.34 28.28 8.55
C GLY B 208 12.14 27.74 7.79
N MET B 209 11.37 28.58 7.12
CA MET B 209 10.23 28.05 6.36
C MET B 209 10.71 27.23 5.18
N GLY B 210 10.15 26.02 5.04
CA GLY B 210 10.56 25.11 3.99
C GLY B 210 9.37 24.57 3.23
N PHE B 211 9.64 24.09 2.01
CA PHE B 211 8.58 23.66 1.11
C PHE B 211 9.12 22.56 0.21
N VAL B 212 8.35 21.50 0.04
CA VAL B 212 8.70 20.36 -0.82
C VAL B 212 8.17 20.60 -2.22
N VAL B 213 8.96 20.27 -3.25
CA VAL B 213 8.45 20.21 -4.61
CA VAL B 213 8.48 20.22 -4.62
C VAL B 213 8.79 18.86 -5.22
N GLN B 214 7.83 18.28 -5.93
CA GLN B 214 7.91 16.91 -6.44
C GLN B 214 8.30 16.92 -7.91
N ALA B 215 9.46 16.33 -8.21
CA ALA B 215 10.00 16.36 -9.57
C ALA B 215 9.25 15.44 -10.53
N TYR B 216 8.41 14.53 -10.04
CA TYR B 216 7.61 13.79 -11.00
C TYR B 216 6.43 14.59 -11.53
N GLY B 217 6.24 15.83 -11.05
CA GLY B 217 5.15 16.66 -11.54
C GLY B 217 5.60 17.57 -12.67
N LYS B 218 4.71 17.73 -13.65
CA LYS B 218 4.98 18.57 -14.81
C LYS B 218 5.17 20.03 -14.42
N ARG B 219 4.59 20.43 -13.30
CA ARG B 219 4.67 21.80 -12.85
C ARG B 219 5.98 22.12 -12.14
N CYS B 220 6.79 21.12 -11.80
CA CYS B 220 7.90 21.31 -10.86
C CYS B 220 8.83 22.47 -11.22
N PRO B 221 9.37 22.60 -12.44
CA PRO B 221 10.31 23.70 -12.68
C PRO B 221 9.66 25.07 -12.60
N PHE B 222 8.38 25.17 -12.96
CA PHE B 222 7.65 26.43 -12.91
C PHE B 222 7.25 26.80 -11.49
N VAL B 223 6.97 25.79 -10.67
CA VAL B 223 6.79 26.02 -9.23
C VAL B 223 8.09 26.53 -8.62
N LEU B 224 9.22 25.96 -9.02
CA LEU B 224 10.51 26.42 -8.52
C LEU B 224 10.79 27.85 -8.95
N ASP B 225 10.49 28.19 -10.20
CA ASP B 225 10.62 29.59 -10.62
C ASP B 225 9.83 30.52 -9.72
N PHE B 226 8.59 30.14 -9.40
CA PHE B 226 7.76 30.97 -8.54
C PHE B 226 8.36 31.08 -7.14
N ILE B 227 8.88 29.99 -6.59
CA ILE B 227 9.41 29.98 -5.22
C ILE B 227 10.68 30.81 -5.14
N ILE B 228 11.55 30.69 -6.15
CA ILE B 228 12.78 31.49 -6.16
C ILE B 228 12.46 32.97 -6.27
N ASP B 229 11.50 33.35 -7.12
CA ASP B 229 11.10 34.75 -7.19
C ASP B 229 10.44 35.21 -5.88
N LEU B 230 9.69 34.32 -5.23
CA LEU B 230 9.07 34.68 -3.95
C LEU B 230 10.14 34.93 -2.89
N ALA B 231 11.20 34.13 -2.92
CA ALA B 231 12.29 34.37 -1.98
C ALA B 231 12.93 35.73 -2.24
N ARG B 232 13.07 36.10 -3.50
CA ARG B 232 13.69 37.37 -3.83
C ARG B 232 12.83 38.54 -3.36
N ARG B 233 11.51 38.47 -3.56
CA ARG B 233 10.72 39.63 -3.17
C ARG B 233 10.33 39.63 -1.70
N SER B 234 10.40 38.48 -1.02
CA SER B 234 10.04 38.40 0.39
C SER B 234 11.22 38.65 1.33
N GLY B 235 12.45 38.49 0.84
CA GLY B 235 13.61 38.53 1.70
C GLY B 235 13.86 37.27 2.52
N ARG B 236 13.05 36.24 2.34
CA ARG B 236 13.24 34.98 3.06
C ARG B 236 14.08 34.04 2.22
N ARG B 237 15.05 33.37 2.84
CA ARG B 237 15.76 32.29 2.17
C ARG B 237 14.98 31.00 2.36
N ILE B 238 14.19 30.62 1.36
CA ILE B 238 13.25 29.52 1.51
C ILE B 238 14.01 28.20 1.40
N MET B 239 13.75 27.29 2.33
CA MET B 239 14.30 25.95 2.25
C MET B 239 13.45 25.16 1.27
N VAL B 240 14.07 24.55 0.28
CA VAL B 240 13.33 23.85 -0.76
C VAL B 240 13.79 22.40 -0.77
N ARG B 241 12.90 21.49 -0.37
CA ARG B 241 13.20 20.05 -0.46
C ARG B 241 12.73 19.56 -1.81
N LEU B 242 13.70 19.14 -2.63
CA LEU B 242 13.40 18.53 -3.93
C LEU B 242 13.31 17.02 -3.74
N VAL B 243 12.13 16.46 -4.03
CA VAL B 243 11.89 15.02 -3.99
C VAL B 243 11.43 14.58 -5.37
N LYS B 244 11.49 13.27 -5.62
CA LYS B 244 10.87 12.79 -6.86
C LYS B 244 9.36 12.69 -6.72
N GLY B 245 8.87 12.11 -5.62
CA GLY B 245 7.43 12.09 -5.39
C GLY B 245 6.93 10.77 -4.83
N ALA B 246 6.07 10.80 -3.80
CA ALA B 246 5.69 9.60 -3.05
C ALA B 246 4.35 9.00 -3.44
N TYR B 247 3.60 9.64 -4.34
CA TYR B 247 2.21 9.26 -4.60
C TYR B 247 1.99 8.79 -6.02
N TRP B 248 3.02 8.29 -6.72
CA TRP B 248 2.90 8.05 -8.16
C TRP B 248 1.75 7.10 -8.49
N ASP B 249 1.69 5.95 -7.83
CA ASP B 249 0.64 4.98 -8.14
C ASP B 249 -0.74 5.60 -7.91
N ALA B 250 -0.88 6.39 -6.86
CA ALA B 250 -2.19 6.98 -6.56
C ALA B 250 -2.56 8.06 -7.57
N GLU B 251 -1.57 8.85 -8.03
CA GLU B 251 -1.86 9.87 -9.02
C GLU B 251 -2.31 9.27 -10.34
N ILE B 252 -1.65 8.18 -10.78
CA ILE B 252 -2.06 7.52 -12.02
C ILE B 252 -3.51 7.05 -11.90
N LYS B 253 -3.85 6.44 -10.76
CA LYS B 253 -5.19 5.90 -10.60
C LYS B 253 -6.22 7.03 -10.57
N ARG B 254 -5.92 8.11 -9.85
CA ARG B 254 -6.86 9.23 -9.75
C ARG B 254 -7.11 9.86 -11.11
N ALA B 255 -6.05 10.05 -11.90
CA ALA B 255 -6.20 10.65 -13.21
C ALA B 255 -7.04 9.78 -14.13
N GLN B 256 -6.84 8.47 -14.06
CA GLN B 256 -7.68 7.54 -14.82
C GLN B 256 -9.14 7.67 -14.41
N LEU B 257 -9.42 7.66 -13.11
CA LEU B 257 -10.79 7.77 -12.65
C LEU B 257 -11.41 9.10 -13.08
N ASP B 258 -10.63 10.19 -13.02
CA ASP B 258 -11.08 11.53 -13.35
C ASP B 258 -11.31 11.74 -14.85
N GLY B 259 -10.99 10.76 -15.69
CA GLY B 259 -11.21 10.88 -17.11
C GLY B 259 -10.21 11.73 -17.86
N LEU B 260 -9.03 11.94 -17.29
CA LEU B 260 -8.03 12.82 -17.90
C LEU B 260 -7.38 12.15 -19.09
N ALA B 261 -7.11 12.95 -20.13
CA ALA B 261 -6.32 12.48 -21.25
C ALA B 261 -4.82 12.67 -21.03
N ASP B 262 -4.43 13.56 -20.11
CA ASP B 262 -3.03 13.79 -19.78
C ASP B 262 -2.90 13.92 -18.27
N PHE B 263 -1.89 13.25 -17.71
CA PHE B 263 -1.75 13.17 -16.25
C PHE B 263 -0.90 14.33 -15.71
N PRO B 264 -1.02 14.64 -14.42
CA PRO B 264 -0.19 15.71 -13.85
C PRO B 264 1.22 15.28 -13.49
N VAL B 265 1.52 13.99 -13.60
CA VAL B 265 2.84 13.44 -13.33
C VAL B 265 3.35 12.72 -14.56
N PHE B 266 4.66 12.50 -14.60
CA PHE B 266 5.28 11.73 -15.66
C PHE B 266 4.91 10.25 -15.51
N THR B 267 4.95 9.55 -16.62
CA THR B 267 4.62 8.12 -16.61
C THR B 267 5.81 7.22 -16.93
N ARG B 268 6.94 7.80 -17.29
CA ARG B 268 8.20 7.08 -17.49
C ARG B 268 9.16 7.47 -16.38
N LYS B 269 9.68 6.48 -15.67
CA LYS B 269 10.46 6.79 -14.46
C LYS B 269 11.69 7.63 -14.79
N ILE B 270 12.34 7.36 -15.93
CA ILE B 270 13.53 8.13 -16.23
C ILE B 270 13.21 9.59 -16.55
N HIS B 271 11.96 9.89 -16.95
CA HIS B 271 11.59 11.30 -17.10
C HIS B 271 11.60 12.02 -15.76
N THR B 272 11.15 11.35 -14.70
CA THR B 272 11.23 11.95 -13.37
C THR B 272 12.69 12.18 -12.98
N ASP B 273 13.57 11.24 -13.32
CA ASP B 273 14.99 11.41 -13.01
C ASP B 273 15.57 12.62 -13.72
N VAL B 274 15.24 12.79 -15.00
CA VAL B 274 15.73 13.96 -15.72
C VAL B 274 15.14 15.24 -15.14
N SER B 275 13.84 15.23 -14.83
CA SER B 275 13.21 16.38 -14.19
C SER B 275 13.94 16.77 -12.90
N TYR B 276 14.28 15.77 -12.08
CA TYR B 276 14.96 16.02 -10.82
C TYR B 276 16.30 16.73 -11.04
N ILE B 277 17.09 16.23 -11.99
CA ILE B 277 18.41 16.82 -12.22
C ILE B 277 18.30 18.22 -12.81
N ALA B 278 17.35 18.42 -13.74
CA ALA B 278 17.12 19.76 -14.28
C ALA B 278 16.72 20.74 -13.18
N CYS B 279 15.88 20.30 -12.25
CA CYS B 279 15.43 21.19 -11.18
C CYS B 279 16.52 21.43 -10.16
N ALA B 280 17.37 20.42 -9.93
CA ALA B 280 18.54 20.64 -9.09
C ALA B 280 19.46 21.70 -9.68
N ALA B 281 19.62 21.70 -11.01
CA ALA B 281 20.43 22.72 -11.66
C ALA B 281 19.86 24.12 -11.42
N LYS B 282 18.54 24.23 -11.45
CA LYS B 282 17.89 25.51 -11.20
C LYS B 282 18.11 25.96 -9.75
N LEU B 283 17.94 25.05 -8.79
CA LEU B 283 18.12 25.37 -7.38
C LEU B 283 19.56 25.73 -7.07
N LEU B 284 20.53 24.99 -7.63
CA LEU B 284 21.93 25.24 -7.33
C LEU B 284 22.40 26.59 -7.87
N ALA B 285 21.72 27.18 -8.84
CA ALA B 285 22.08 28.49 -9.33
C ALA B 285 21.44 29.61 -8.54
N ALA B 286 20.61 29.29 -7.53
CA ALA B 286 19.88 30.28 -6.75
C ALA B 286 20.13 30.14 -5.25
N THR B 287 21.31 29.63 -4.86
CA THR B 287 21.53 29.39 -3.44
C THR B 287 21.67 30.67 -2.63
N ASP B 288 21.76 31.85 -3.26
CA ASP B 288 21.68 33.11 -2.52
C ASP B 288 20.31 33.31 -1.87
N VAL B 289 19.23 32.75 -2.44
CA VAL B 289 17.89 33.07 -1.95
C VAL B 289 17.08 31.82 -1.60
N VAL B 290 17.57 30.63 -1.94
CA VAL B 290 16.95 29.39 -1.46
C VAL B 290 18.03 28.46 -0.92
N PHE B 291 17.60 27.55 -0.03
CA PHE B 291 18.47 26.51 0.54
C PHE B 291 18.01 25.18 -0.04
N PRO B 292 18.70 24.65 -1.05
CA PRO B 292 18.27 23.39 -1.66
C PRO B 292 18.54 22.23 -0.74
N GLN B 293 17.60 21.29 -0.73
CA GLN B 293 17.66 20.10 0.11
C GLN B 293 17.33 18.94 -0.82
N PHE B 294 18.33 18.14 -1.16
CA PHE B 294 18.20 17.12 -2.19
C PHE B 294 17.88 15.81 -1.51
N ALA B 295 16.58 15.49 -1.47
CA ALA B 295 16.09 14.28 -0.83
C ALA B 295 16.07 13.13 -1.85
N THR B 296 16.97 12.17 -1.68
CA THR B 296 17.01 11.01 -2.57
C THR B 296 17.81 9.90 -1.91
N HIS B 297 17.46 8.65 -2.22
CA HIS B 297 18.26 7.50 -1.83
C HIS B 297 19.01 6.92 -3.03
N ASN B 298 18.99 7.60 -4.16
CA ASN B 298 19.55 7.06 -5.41
C ASN B 298 20.98 7.59 -5.53
N ALA B 299 21.95 6.69 -5.46
CA ALA B 299 23.36 7.10 -5.45
C ALA B 299 23.77 7.76 -6.76
N GLN B 300 23.14 7.40 -7.87
CA GLN B 300 23.44 8.06 -9.13
C GLN B 300 22.93 9.50 -9.12
N THR B 301 21.70 9.71 -8.65
CA THR B 301 21.18 11.06 -8.50
C THR B 301 22.07 11.89 -7.58
N LEU B 302 22.46 11.30 -6.46
CA LEU B 302 23.28 11.99 -5.48
C LEU B 302 24.60 12.42 -6.09
N ALA B 303 25.30 11.48 -6.75
CA ALA B 303 26.59 11.77 -7.35
C ALA B 303 26.47 12.87 -8.41
N ALA B 304 25.37 12.85 -9.19
CA ALA B 304 25.19 13.86 -10.23
C ALA B 304 25.09 15.26 -9.62
N ILE B 305 24.35 15.39 -8.53
CA ILE B 305 24.16 16.69 -7.90
C ILE B 305 25.45 17.13 -7.20
N TYR B 306 26.14 16.19 -6.56
CA TYR B 306 27.37 16.52 -5.85
C TYR B 306 28.38 17.16 -6.80
N HIS B 307 28.52 16.61 -8.01
CA HIS B 307 29.44 17.20 -8.97
C HIS B 307 28.85 18.42 -9.67
N MET B 308 27.54 18.45 -9.86
CA MET B 308 26.91 19.63 -10.45
C MET B 308 27.16 20.86 -9.60
N ALA B 309 27.17 20.69 -8.28
CA ALA B 309 27.27 21.81 -7.36
C ALA B 309 28.66 22.41 -7.33
N GLY B 310 29.66 21.70 -7.82
CA GLY B 310 30.99 22.27 -7.89
C GLY B 310 31.79 22.08 -6.62
N LYS B 311 32.99 22.66 -6.64
CA LYS B 311 34.00 22.42 -5.62
C LYS B 311 33.78 23.24 -4.35
N ASP B 312 33.12 24.40 -4.46
CA ASP B 312 32.98 25.27 -3.30
C ASP B 312 31.78 24.83 -2.48
N PHE B 313 32.00 24.55 -1.20
CA PHE B 313 30.91 24.17 -0.31
C PHE B 313 31.13 24.73 1.09
N HIS B 314 30.02 25.11 1.72
CA HIS B 314 29.98 25.43 3.14
C HIS B 314 28.63 24.98 3.67
N VAL B 315 28.61 24.62 4.96
CA VAL B 315 27.34 24.22 5.57
C VAL B 315 26.38 25.40 5.52
N GLY B 316 25.19 25.16 4.99
CA GLY B 316 24.22 26.18 4.65
C GLY B 316 24.07 26.44 3.17
N LYS B 317 24.99 25.96 2.34
CA LYS B 317 24.84 26.15 0.90
C LYS B 317 23.70 25.28 0.37
N TYR B 318 23.79 23.99 0.64
CA TYR B 318 22.74 23.02 0.31
C TYR B 318 22.95 21.82 1.21
N GLU B 319 21.99 20.89 1.22
CA GLU B 319 22.19 19.63 1.93
C GLU B 319 21.50 18.52 1.16
N PHE B 320 21.85 17.29 1.50
CA PHE B 320 21.07 16.12 1.09
C PHE B 320 20.09 15.75 2.20
N GLN B 321 19.09 14.93 1.86
CA GLN B 321 18.18 14.38 2.88
C GLN B 321 17.86 12.92 2.56
N CYS B 322 17.47 12.19 3.60
CA CYS B 322 17.10 10.78 3.42
C CYS B 322 16.03 10.41 4.44
N LEU B 323 15.36 9.28 4.21
CA LEU B 323 14.36 8.78 5.16
C LEU B 323 15.01 7.86 6.20
N HIS B 324 14.55 7.99 7.45
CA HIS B 324 15.00 7.11 8.51
C HIS B 324 14.77 5.65 8.12
N GLY B 325 15.78 4.82 8.35
CA GLY B 325 15.69 3.40 8.06
C GLY B 325 15.83 3.03 6.60
N MET B 326 16.09 3.98 5.73
CA MET B 326 16.35 3.71 4.31
C MET B 326 17.69 4.28 3.85
N GLY B 327 18.04 5.48 4.31
CA GLY B 327 19.12 6.19 3.68
C GLY B 327 20.44 6.19 4.43
N GLU B 328 20.44 5.79 5.69
CA GLU B 328 21.68 5.86 6.46
C GLU B 328 22.84 5.09 5.84
N PRO B 329 22.65 3.88 5.30
CA PRO B 329 23.84 3.19 4.73
C PRO B 329 24.48 3.97 3.59
N LEU B 330 23.68 4.60 2.73
CA LEU B 330 24.23 5.41 1.66
C LEU B 330 24.92 6.65 2.22
N TYR B 331 24.24 7.37 3.10
CA TYR B 331 24.78 8.65 3.53
C TYR B 331 25.90 8.50 4.56
N GLU B 332 26.08 7.32 5.16
CA GLU B 332 27.31 7.07 5.89
C GLU B 332 28.54 7.14 4.97
N GLU B 333 28.35 7.03 3.65
CA GLU B 333 29.43 7.20 2.70
C GLU B 333 29.51 8.61 2.14
N VAL B 334 28.76 9.55 2.71
CA VAL B 334 28.63 10.92 2.21
C VAL B 334 29.01 11.94 3.28
N VAL B 335 28.42 11.82 4.46
CA VAL B 335 28.64 12.78 5.54
C VAL B 335 30.06 12.62 6.07
N GLY B 336 30.70 13.73 6.36
CA GLY B 336 31.97 13.53 7.03
C GLY B 336 33.16 13.82 6.13
N ARG B 337 34.24 14.29 6.76
CA ARG B 337 35.40 14.79 6.03
C ARG B 337 36.04 13.73 5.14
N GLY B 338 36.14 12.50 5.62
CA GLY B 338 36.77 11.46 4.83
C GLY B 338 35.90 10.86 3.74
N LYS B 339 34.68 11.36 3.59
CA LYS B 339 33.75 10.85 2.59
C LYS B 339 33.54 11.91 1.51
N LEU B 340 32.32 12.39 1.33
CA LEU B 340 32.08 13.50 0.42
C LEU B 340 31.99 14.85 1.14
N ASP B 341 31.94 14.85 2.48
CA ASP B 341 31.94 16.08 3.27
C ASP B 341 30.70 16.93 2.95
N ARG B 342 29.55 16.27 2.84
CA ARG B 342 28.27 16.96 2.63
C ARG B 342 27.27 16.51 3.68
N PRO B 343 26.45 17.42 4.19
CA PRO B 343 25.50 17.07 5.24
C PRO B 343 24.27 16.36 4.70
N CYS B 344 23.62 15.63 5.60
CA CYS B 344 22.38 14.94 5.29
C CYS B 344 21.42 15.08 6.46
N ARG B 345 20.17 15.47 6.16
CA ARG B 345 19.13 15.57 7.15
C ARG B 345 18.23 14.34 7.06
N ILE B 346 18.03 13.68 8.18
CA ILE B 346 17.23 12.45 8.24
C ILE B 346 15.79 12.83 8.56
N TYR B 347 14.86 12.42 7.69
CA TYR B 347 13.43 12.57 7.95
C TYR B 347 12.99 11.46 8.89
N ALA B 348 12.49 11.85 10.06
CA ALA B 348 12.34 10.94 11.20
C ALA B 348 10.88 10.85 11.63
N PRO B 349 10.16 9.80 11.23
CA PRO B 349 8.79 9.62 11.71
C PRO B 349 8.73 9.33 13.21
N VAL B 350 7.72 9.89 13.86
CA VAL B 350 7.49 9.75 15.28
C VAL B 350 6.02 9.37 15.48
N GLY B 351 5.79 8.19 16.06
CA GLY B 351 4.43 7.79 16.35
C GLY B 351 4.33 6.31 16.63
N THR B 352 3.09 5.81 16.53
CA THR B 352 2.75 4.43 16.82
C THR B 352 2.00 3.84 15.63
N HIS B 353 1.58 2.57 15.77
CA HIS B 353 0.86 1.89 14.71
C HIS B 353 -0.39 2.65 14.29
N GLU B 354 -1.03 3.37 15.22
CA GLU B 354 -2.27 4.08 14.93
C GLU B 354 -2.09 5.19 13.90
N THR B 355 -0.84 5.51 13.51
CA THR B 355 -0.59 6.50 12.49
C THR B 355 0.49 6.08 11.50
N LEU B 356 0.95 4.83 11.53
CA LEU B 356 2.12 4.41 10.78
C LEU B 356 1.81 3.75 9.44
N LEU B 357 0.60 3.19 9.26
CA LEU B 357 0.33 2.34 8.11
C LEU B 357 0.45 3.10 6.78
N ALA B 358 -0.14 4.30 6.71
CA ALA B 358 -0.14 5.04 5.45
C ALA B 358 1.27 5.38 5.00
N TYR B 359 2.15 5.70 5.97
CA TYR B 359 3.56 5.92 5.63
C TYR B 359 4.22 4.62 5.20
N LEU B 360 3.93 3.53 5.90
CA LEU B 360 4.47 2.22 5.52
C LEU B 360 4.07 1.87 4.10
N VAL B 361 2.83 2.15 3.72
CA VAL B 361 2.35 1.80 2.39
C VAL B 361 3.12 2.61 1.35
N ARG B 362 3.27 3.92 1.58
CA ARG B 362 4.07 4.71 0.64
C ARG B 362 5.50 4.19 0.61
N ARG B 363 6.03 3.74 1.75
CA ARG B 363 7.36 3.17 1.75
C ARG B 363 7.41 1.82 1.01
N LEU B 364 6.40 0.97 1.20
CA LEU B 364 6.38 -0.30 0.48
C LEU B 364 6.27 -0.09 -1.02
N LEU B 365 5.43 0.86 -1.45
CA LEU B 365 5.32 1.15 -2.88
C LEU B 365 6.64 1.66 -3.42
N GLU B 366 7.39 2.37 -2.57
CA GLU B 366 8.74 2.79 -2.90
C GLU B 366 9.71 1.61 -2.91
N ASN B 367 9.77 0.87 -1.81
CA ASN B 367 10.76 -0.20 -1.67
C ASN B 367 10.44 -1.42 -2.52
N GLY B 368 9.15 -1.68 -2.81
CA GLY B 368 8.79 -2.89 -3.52
C GLY B 368 8.74 -2.77 -5.03
N ALA B 369 8.92 -1.57 -5.57
CA ALA B 369 8.77 -1.32 -7.00
C ALA B 369 10.03 -1.72 -7.76
N ASN B 370 9.85 -2.43 -8.87
CA ASN B 370 11.00 -2.87 -9.68
C ASN B 370 11.82 -1.71 -10.22
N SER B 371 11.24 -0.51 -10.33
CA SER B 371 11.95 0.64 -10.86
C SER B 371 12.73 1.43 -9.82
N SER B 372 12.52 1.15 -8.54
CA SER B 372 13.18 1.91 -7.48
C SER B 372 14.64 1.52 -7.34
N PHE B 373 15.49 2.53 -7.12
CA PHE B 373 16.90 2.27 -6.85
C PHE B 373 17.09 1.29 -5.70
N VAL B 374 16.35 1.48 -4.61
CA VAL B 374 16.58 0.66 -3.43
C VAL B 374 16.20 -0.78 -3.67
N HIS B 375 15.38 -1.04 -4.69
CA HIS B 375 15.08 -2.39 -5.12
C HIS B 375 16.11 -2.92 -6.10
N ARG B 376 16.54 -2.07 -7.04
CA ARG B 376 17.50 -2.47 -8.06
C ARG B 376 18.86 -2.77 -7.46
N ILE B 377 19.25 -2.07 -6.39
CA ILE B 377 20.55 -2.34 -5.79
C ILE B 377 20.64 -3.78 -5.31
N ASN B 378 19.51 -4.41 -4.97
CA ASN B 378 19.45 -5.80 -4.52
C ASN B 378 19.05 -6.77 -5.62
N ASP B 379 18.93 -6.31 -6.86
CA ASP B 379 18.47 -7.13 -7.97
C ASP B 379 19.66 -7.74 -8.67
N PRO B 380 19.78 -9.06 -8.72
CA PRO B 380 20.99 -9.67 -9.32
C PRO B 380 21.10 -9.42 -10.82
N LYS B 381 19.99 -9.17 -11.50
CA LYS B 381 20.01 -8.91 -12.94
C LYS B 381 20.37 -7.47 -13.30
N VAL B 382 20.60 -6.59 -12.33
CA VAL B 382 20.92 -5.18 -12.58
C VAL B 382 22.41 -4.99 -12.32
N SER B 383 23.16 -4.66 -13.38
CA SER B 383 24.59 -4.48 -13.27
C SER B 383 24.92 -3.14 -12.63
N ILE B 384 26.14 -3.03 -12.10
CA ILE B 384 26.56 -1.73 -11.58
C ILE B 384 26.62 -0.71 -12.71
N ASP B 385 26.93 -1.16 -13.93
CA ASP B 385 26.92 -0.30 -15.11
C ASP B 385 25.58 0.38 -15.26
N GLU B 386 24.49 -0.38 -15.14
CA GLU B 386 23.16 0.20 -15.28
C GLU B 386 22.82 1.14 -14.13
N LEU B 387 23.26 0.81 -12.91
CA LEU B 387 22.95 1.65 -11.76
C LEU B 387 23.64 3.01 -11.84
N ILE B 388 24.80 3.09 -12.48
CA ILE B 388 25.50 4.38 -12.60
C ILE B 388 25.22 5.08 -13.92
N ALA B 389 24.41 4.49 -14.79
CA ALA B 389 24.05 5.13 -16.05
C ALA B 389 23.38 6.47 -15.80
N ASP B 390 23.79 7.48 -16.56
CA ASP B 390 23.16 8.80 -16.47
C ASP B 390 21.83 8.77 -17.21
N PRO B 391 20.70 8.95 -16.53
CA PRO B 391 19.40 8.85 -17.23
C PRO B 391 19.22 9.90 -18.31
N VAL B 392 19.94 11.01 -18.24
CA VAL B 392 19.81 12.08 -19.22
C VAL B 392 20.30 11.59 -20.59
N GLU B 393 21.33 10.74 -20.60
CA GLU B 393 21.82 10.20 -21.86
C GLU B 393 20.82 9.23 -22.49
N VAL B 394 20.03 8.54 -21.66
CA VAL B 394 19.03 7.62 -22.18
C VAL B 394 17.94 8.38 -22.95
N VAL B 395 17.64 9.61 -22.55
CA VAL B 395 16.58 10.38 -23.20
C VAL B 395 17.10 11.38 -24.21
N ARG B 396 18.38 11.73 -24.16
CA ARG B 396 18.95 12.70 -25.09
C ARG B 396 18.97 12.15 -26.53
PA FDA C . -8.12 -11.68 11.19
O1A FDA C . -8.89 -12.52 12.24
O2A FDA C . -6.97 -10.91 11.57
O5B FDA C . -8.93 -10.67 10.48
C5B FDA C . -8.35 -9.68 9.65
C4B FDA C . -9.49 -9.06 8.87
O4B FDA C . -10.43 -8.37 9.67
C3B FDA C . -9.10 -8.03 7.85
O3B FDA C . -8.48 -8.58 6.75
C2B FDA C . -10.41 -7.42 7.54
O2B FDA C . -11.13 -8.21 6.65
C1B FDA C . -11.06 -7.41 8.88
N9A FDA C . -11.00 -6.12 9.57
C8A FDA C . -9.90 -5.50 10.12
N7A FDA C . -10.29 -4.34 10.68
C5A FDA C . -11.66 -4.18 10.52
C6A FDA C . -12.58 -3.21 10.89
N6A FDA C . -12.14 -2.05 11.61
N1A FDA C . -13.88 -3.35 10.58
C2A FDA C . -14.33 -4.44 9.91
N3A FDA C . -13.45 -5.42 9.53
C4A FDA C . -12.14 -5.33 9.82
N1 FDA C . -9.61 -11.42 0.51
C2 FDA C . -10.59 -10.95 -0.42
O2 FDA C . -11.27 -9.80 -0.16
N3 FDA C . -10.87 -11.66 -1.61
C4 FDA C . -10.19 -12.84 -1.89
O4 FDA C . -10.48 -13.51 -3.03
C4X FDA C . -9.16 -13.35 -0.92
N5 FDA C . -8.35 -14.52 -1.23
C5X FDA C . -7.79 -15.17 -0.07
C6 FDA C . -7.44 -16.62 -0.13
C7 FDA C . -6.95 -17.25 1.03
C7M FDA C . -6.60 -18.71 0.99
C8 FDA C . -6.79 -16.53 2.25
C8M FDA C . -6.26 -17.18 3.50
C9 FDA C . -7.12 -15.15 2.31
C9A FDA C . -7.64 -14.49 1.10
N10 FDA C . -8.01 -13.11 1.21
C10 FDA C . -8.90 -12.64 0.22
C1' FDA C . -7.62 -12.29 2.38
C2' FDA C . -8.64 -12.30 3.53
O2' FDA C . -9.81 -11.66 3.16
C3' FDA C . -8.14 -11.65 4.82
O3' FDA C . -7.85 -10.28 4.63
C4' FDA C . -6.98 -12.36 5.49
O4' FDA C . -7.11 -13.75 5.34
C5' FDA C . -6.86 -12.07 6.98
O5' FDA C . -8.00 -12.55 7.64
P FDA C . -7.96 -13.47 8.95
O1P FDA C . -9.28 -14.25 9.25
O2P FDA C . -6.61 -14.25 8.76
O3P FDA C . -7.41 -12.41 10.08
PA FAD D . -7.84 -11.73 11.28
O1A FAD D . -6.81 -10.96 12.02
O2A FAD D . -8.72 -12.60 12.20
O5B FAD D . -8.87 -10.85 10.42
C5B FAD D . -8.53 -9.55 9.92
C4B FAD D . -9.60 -9.09 8.95
O4B FAD D . -10.68 -8.43 9.67
C3B FAD D . -9.18 -8.05 7.91
O3B FAD D . -8.47 -8.63 6.81
C2B FAD D . -10.52 -7.44 7.52
O2B FAD D . -11.26 -8.25 6.62
C1B FAD D . -11.25 -7.42 8.86
N9A FAD D . -11.16 -6.15 9.59
C8A FAD D . -10.05 -5.59 10.15
N7A FAD D . -10.26 -4.44 10.74
C5A FAD D . -11.63 -4.24 10.57
C6A FAD D . -12.49 -3.20 10.97
N6A FAD D . -12.10 -2.13 11.67
N1A FAD D . -13.80 -3.30 10.63
C2A FAD D . -14.20 -4.38 9.95
N3A FAD D . -13.48 -5.41 9.52
C4A FAD D . -12.19 -5.29 9.87
N1 FAD D . -9.82 -11.59 0.74
C2 FAD D . -10.42 -11.00 -0.33
O2 FAD D . -10.96 -9.91 -0.24
N3 FAD D . -10.42 -11.65 -1.56
C4 FAD D . -9.85 -12.87 -1.82
O4 FAD D . -9.93 -13.34 -2.96
C4X FAD D . -9.22 -13.49 -0.67
N5 FAD D . -8.66 -14.67 -0.82
C5X FAD D . -8.06 -15.24 0.29
C6 FAD D . -7.45 -16.50 0.18
C7 FAD D . -6.85 -17.10 1.28
C7M FAD D . -6.20 -18.45 1.11
C8 FAD D . -6.85 -16.45 2.52
C8M FAD D . -6.19 -17.07 3.72
C9 FAD D . -7.44 -15.21 2.64
C9A FAD D . -8.05 -14.61 1.55
N10 FAD D . -8.67 -13.34 1.65
C10 FAD D . -9.26 -12.76 0.57
C1' FAD D . -8.71 -12.65 2.95
C2' FAD D . -7.55 -11.69 3.16
O2' FAD D . -6.53 -11.95 2.19
C3' FAD D . -6.99 -11.88 4.57
O3' FAD D . -6.11 -13.00 4.54
C4' FAD D . -8.03 -12.10 5.67
O4' FAD D . -9.08 -11.13 5.58
C5' FAD D . -7.41 -12.07 7.06
O5' FAD D . -8.27 -12.78 7.97
P FAD D . -7.67 -13.72 9.10
O1P FAD D . -8.83 -14.52 9.70
O2P FAD D . -6.54 -14.51 8.56
O3P FAD D . -7.14 -12.70 10.24
C1 CBG E . -6.73 -11.89 -2.04
O1 CBG E . -6.23 -10.99 -1.35
C2 CBG E . -6.26 -13.32 -1.94
C3 CBG E . -7.41 -14.34 -2.12
C1 PEG F . -14.65 -31.71 16.80
O1 PEG F . -16.03 -32.09 16.84
C2 PEG F . -13.85 -32.66 15.96
O2 PEG F . -13.24 -33.63 16.79
C3 PEG F . -12.64 -34.68 16.05
C4 PEG F . -12.24 -35.79 16.99
O4 PEG F . -12.79 -35.59 18.28
PA FDA G . 14.49 6.63 -7.26
O1A FDA G . 15.68 7.04 -8.19
O2A FDA G . 14.17 5.25 -7.02
O5B FDA G . 13.15 7.11 -7.71
C5B FDA G . 11.90 6.60 -7.25
C4B FDA G . 10.79 7.56 -7.72
O4B FDA G . 10.57 7.59 -9.12
C3B FDA G . 9.42 7.29 -7.18
O3B FDA G . 9.28 7.58 -5.86
C2B FDA G . 8.57 8.12 -8.04
O2B FDA G . 8.63 9.45 -7.65
C1B FDA G . 9.23 7.96 -9.35
N9A FDA G . 8.59 7.00 -10.25
C8A FDA G . 8.35 5.64 -10.04
N7A FDA G . 7.76 5.14 -11.15
C5A FDA G . 7.62 6.14 -12.11
C6A FDA G . 7.10 6.21 -13.40
N6A FDA G . 6.56 5.01 -14.02
N1A FDA G . 7.11 7.36 -14.09
C2A FDA G . 7.61 8.51 -13.54
N3A FDA G . 8.13 8.48 -12.27
C4A FDA G . 8.15 7.35 -11.55
N1 FDA G . 7.62 12.51 -1.45
C2 FDA G . 6.61 13.47 -1.72
O2 FDA G . 5.84 13.32 -2.85
N3 FDA G . 6.39 14.57 -0.85
C4 FDA G . 7.18 14.74 0.31
O4 FDA G . 6.92 15.81 1.11
C4X FDA G . 8.24 13.73 0.60
N5 FDA G . 9.01 13.78 1.84
C5X FDA G . 10.30 13.14 1.74
C6 FDA G . 11.39 13.63 2.61
C7 FDA G . 12.66 13.05 2.47
C7M FDA G . 13.78 13.52 3.36
C8 FDA G . 12.90 12.01 1.52
C8M FDA G . 14.28 11.40 1.39
C9 FDA G . 11.87 11.54 0.68
C9A FDA G . 10.54 12.16 0.82
N10 FDA G . 9.49 11.72 -0.06
C10 FDA G . 8.43 12.67 -0.26
C1' FDA G . 9.60 10.51 -0.91
C2' FDA G . 10.23 10.77 -2.28
O2' FDA G . 9.37 11.52 -3.06
C3' FDA G . 10.57 9.54 -3.12
O3' FDA G . 9.44 8.76 -3.36
C4' FDA G . 11.72 8.64 -2.64
O4' FDA G . 12.77 9.37 -2.12
C5' FDA G . 12.28 7.70 -3.71
O5' FDA G . 12.95 8.42 -4.72
P FDA G . 14.52 8.35 -4.96
O1P FDA G . 15.20 9.61 -5.57
O2P FDA G . 15.03 7.70 -3.61
O3P FDA G . 14.61 6.94 -5.80
PA FAD H . 14.34 6.30 -7.06
O1A FAD H . 14.28 4.82 -7.14
O2A FAD H . 15.45 6.96 -7.86
O5B FAD H . 13.02 7.01 -7.61
C5B FAD H . 11.72 6.40 -7.46
C4B FAD H . 10.69 7.48 -7.69
O4B FAD H . 10.53 7.70 -9.11
C3B FAD H . 9.29 7.16 -7.20
O3B FAD H . 9.15 7.34 -5.80
C2B FAD H . 8.44 8.11 -8.05
O2B FAD H . 8.51 9.45 -7.60
C1B FAD H . 9.19 8.04 -9.40
N9A FAD H . 8.67 7.07 -10.37
C8A FAD H . 8.74 5.70 -10.29
N7A FAD H . 8.22 5.08 -11.32
C5A FAD H . 7.79 6.12 -12.14
C6A FAD H . 7.15 6.13 -13.40
N6A FAD H . 6.81 5.03 -14.08
N1A FAD H . 6.86 7.34 -13.94
C2A FAD H . 7.18 8.44 -13.26
N3A FAD H . 7.79 8.55 -12.08
C4A FAD H . 8.07 7.34 -11.57
N1 FAD H . 7.72 12.75 -1.54
C2 FAD H . 6.55 13.44 -1.44
O2 FAD H . 5.66 13.31 -2.28
N3 FAD H . 6.35 14.30 -0.38
C4 FAD H . 7.24 14.55 0.65
O4 FAD H . 6.95 15.35 1.54
C4X FAD H . 8.48 13.81 0.53
N5 FAD H . 9.40 13.98 1.46
C5X FAD H . 10.58 13.26 1.35
C6 FAD H . 11.57 13.42 2.32
C7 FAD H . 12.77 12.72 2.23
C7M FAD H . 13.83 12.91 3.29
C8 FAD H . 12.98 11.84 1.16
C8M FAD H . 14.27 11.06 1.03
C9 FAD H . 11.99 11.68 0.19
C9A FAD H . 10.80 12.38 0.28
N10 FAD H . 9.79 12.22 -0.68
C10 FAD H . 8.62 12.93 -0.60
C1' FAD H . 10.00 11.35 -1.85
C2' FAD H . 9.49 9.93 -1.66
O2' FAD H . 9.14 9.71 -0.29
C3' FAD H . 10.55 8.95 -2.14
O3' FAD H . 11.53 8.75 -1.12
C4' FAD H . 11.32 9.35 -3.40
O4' FAD H . 10.44 9.73 -4.45
C5' FAD H . 12.23 8.23 -3.87
O5' FAD H . 13.20 8.78 -4.79
P FAD H . 14.67 8.19 -4.84
O1P FAD H . 15.49 9.08 -5.79
O2P FAD H . 15.20 8.00 -3.48
O3P FAD H . 14.46 6.74 -5.54
C1 CBG I . 6.57 11.62 2.22
O1 CBG I . 6.22 10.51 1.86
C2 CBG I . 7.86 11.86 2.99
C3 CBG I . 8.36 13.33 2.90
C1 PEG J . 34.22 17.72 -5.54
O1 PEG J . 34.63 18.34 -4.33
C2 PEG J . 32.88 18.22 -5.99
O2 PEG J . 32.79 18.17 -7.41
C3 PEG J . 33.87 18.85 -8.05
C4 PEG J . 33.34 19.93 -8.94
O4 PEG J . 32.41 19.44 -9.91
#